data_8WQW
#
_entry.id   8WQW
#
_cell.length_a   1.00
_cell.length_b   1.00
_cell.length_c   1.00
_cell.angle_alpha   90.00
_cell.angle_beta   90.00
_cell.angle_gamma   90.00
#
_symmetry.space_group_name_H-M   'P 1'
#
loop_
_entity.id
_entity.type
_entity.pdbx_description
1 polymer 'Glycoprotein C'
2 polymer 'bsAb3 Fab-heavy chain'
3 polymer 'bsAb3 Fab-light chain'
4 polymer 'Glycoprotein N'
5 branched alpha-D-mannopyranose-(1-4)-2-acetamido-2-deoxy-beta-D-glucopyranose-(1-4)-2-acetamido-2-deoxy-beta-D-glucopyranose
6 branched 2-acetamido-2-deoxy-beta-D-glucopyranose-(1-4)-2-acetamido-2-deoxy-beta-D-glucopyranose
#
loop_
_entity_poly.entity_id
_entity_poly.type
_entity_poly.pdbx_seq_one_letter_code
_entity_poly.pdbx_strand_id
1 'polypeptide(L)'
;CDEMVHADSKLVSCRQGSGNMKECVTTGRALLPAVNPGQEACLHFTAPGSPDSKCLKIKVKRINLKCKKSSSYFVPDARS
RCTSVRRCRWAGDCQSGCPPHFTSNSFSDDWAGKMDRAGLGFSGCSDGCGGAACGCFNAAPSCIFWRKWVENPHGIIWKV
SPCVAWVPSAVIELTMPSGEVRTFHPMSGIPTQVFKGVSVTYLGSDMEVSGLTDLCEIEELKSKKLALAPCNQAGMGVVG
KVGEIQCSSEESARTIKKDGCIWNADLVGIELRVDDAVCYSKITSVEAVANYSAIPTTIGGLRFERSHDSQGKISGSPLD
ITAIRGSFSVNYRGLRLSLSEITATCTGEVTNVSGCYSCMTGAKVSIKLHSSKNSTAHVRCKGDETAFSVLEGVHSYTVS
LSFDHAVVDEQCQLNCGGHESQVTLKGNLIFLDHHHHHH
;
A
2 'polypeptide(L)'
;EVQLVESGGGLVKPGGSLRLSCAASGFTFSNAWMSWVRQAPGKGLEWVGRIKSKTDGGTTDYAAPVKGRFTISRDDSKNT
LYLQMNSLKTEDTAVYYCTTDFISAGPWYFDLWGRGTLVTVSSGGGGSGGGGSQVQLVQSGGGVVKTGRSQRVSCATSGF
TFSSYAIHWVRQAPGKGLEWVAVISYDGSNKYYADSVKGRFTISRDSSKNTVYLQMNSLRTEDTAVYYCARSQASWQAFD
YWGQGTLVTVSSASTKGPSVFPLAPSSKSTSGGTAALGCLVKDYFPEPVTVSWNSGALTSGVHTFPAVLQSSGLYSLSSV
VTVPSSSLGTQTYICNVNHKPSNTKVDKKVEPKSCDK
;
B,F
3 'polypeptide(L)'
;SSELTQDPAVSVALGQTVRITCQGDSLRSYYASWYQQKPGQAPVLVIYGKNNRPSGIPDRFSGSSSGNTASLTITGAQAE
DEADYYCNSRDSSGNHVVFGGGTKLTVLGGGGSGGGGSDIQMTQSPSSLSASVGDRVTITCRASQGVGTDLAWYQQKPGK
APNRLIFAASNLQSGVPSRFSGSGSGTEFTLTISSLQPEDFATYYCLHHNSFPLAFGGGTKVEIKRTVAAPSVFIFPPSD
EQLKSGTASVVCLLNNFYPREAKVQWKVDNALQSGNSQESVTEQDSKDSTYSLSSTLTLSKADYEKHKVYACEVTHQGLS
SPVTKSFNRGECS
;
C,E
4 'polypeptide(L)'
;DGIQDSGPIICAGPIHSNKSADIPHLLGYSEKICQIDRLIHVSSWLRNHSQFQGYVGQRGGRSQVSYYPAENSYSRWSGL
LSPCDADWLGMLVVKKAKGSDMIVPGPSYKGKVFFERPTFDGYVGWGCGSGKSRTESGELCSSDSGTSSGLLPSDRVLWI
GDVACQPMTPIPEETFLELKSFSQSEFPDICKIDGIVFNQCEGESLPQPFDVAWMDVGHSHKIIMREHKTKWVQESSSKD
FVCYKEGTGPCSESEEKTCKTSGSCRGDMQFCKVAGCEHGEEASEAKCRCSLVHKPGEVVVSYGGMRVRPKCYGFSRMMA
TLEVN
;
D
#
loop_
_chem_comp.id
_chem_comp.type
_chem_comp.name
_chem_comp.formula
MAN D-saccharide, alpha linking alpha-D-mannopyranose 'C6 H12 O6'
NAG D-saccharide, beta linking 2-acetamido-2-deoxy-beta-D-glucopyranose 'C8 H15 N O6'
#
# COMPACT_ATOMS: atom_id res chain seq x y z
N LEU A 65 -36.45 14.18 -8.79
CA LEU A 65 -35.71 14.49 -7.57
C LEU A 65 -34.51 15.37 -7.86
N LYS A 66 -34.72 16.69 -7.83
CA LYS A 66 -33.67 17.67 -8.06
C LYS A 66 -33.29 18.33 -6.75
N CYS A 67 -31.99 18.43 -6.51
CA CYS A 67 -31.49 18.96 -5.25
C CYS A 67 -31.87 20.42 -5.05
N LYS A 68 -32.13 20.78 -3.80
CA LYS A 68 -32.27 22.17 -3.38
C LYS A 68 -30.88 22.67 -3.01
N LYS A 69 -30.23 23.35 -3.95
CA LYS A 69 -28.82 23.67 -3.80
C LYS A 69 -28.61 24.77 -2.76
N SER A 70 -27.76 24.50 -1.79
CA SER A 70 -27.33 25.47 -0.80
C SER A 70 -26.05 26.14 -1.29
N SER A 71 -25.35 26.84 -0.40
CA SER A 71 -24.09 27.48 -0.76
C SER A 71 -23.09 26.44 -1.25
N SER A 72 -22.01 26.94 -1.84
CA SER A 72 -21.06 26.07 -2.54
C SER A 72 -19.63 26.38 -2.10
N TYR A 73 -18.80 25.33 -2.14
CA TYR A 73 -17.36 25.46 -1.96
C TYR A 73 -16.68 24.58 -3.01
N PHE A 74 -15.37 24.41 -2.89
CA PHE A 74 -14.61 23.66 -3.87
C PHE A 74 -13.75 22.59 -3.20
N VAL A 75 -13.83 21.37 -3.71
CA VAL A 75 -13.04 20.24 -3.26
C VAL A 75 -12.07 19.86 -4.36
N PRO A 76 -10.76 19.99 -4.13
CA PRO A 76 -9.79 19.78 -5.20
C PRO A 76 -9.28 18.35 -5.25
N ASP A 77 -8.69 18.01 -6.39
CA ASP A 77 -7.97 16.75 -6.54
C ASP A 77 -6.69 16.84 -5.72
N ALA A 78 -6.64 16.11 -4.62
CA ALA A 78 -5.62 16.31 -3.59
C ALA A 78 -4.59 15.19 -3.65
N ARG A 79 -3.31 15.57 -3.72
CA ARG A 79 -2.21 14.64 -3.55
C ARG A 79 -1.30 15.17 -2.45
N SER A 80 -0.87 14.28 -1.57
CA SER A 80 -0.10 14.65 -0.39
C SER A 80 1.39 14.49 -0.66
N ARG A 81 2.19 15.43 -0.17
CA ARG A 81 3.64 15.35 -0.28
C ARG A 81 4.27 15.94 0.97
N CYS A 82 5.34 15.31 1.43
CA CYS A 82 5.99 15.72 2.67
C CYS A 82 7.48 15.81 2.45
N THR A 83 8.11 16.72 3.19
CA THR A 83 9.55 16.89 3.15
C THR A 83 10.06 17.06 4.58
N SER A 84 11.34 16.80 4.77
CA SER A 84 11.97 16.94 6.08
C SER A 84 13.47 17.10 5.88
N VAL A 85 14.07 18.00 6.65
CA VAL A 85 15.49 18.33 6.51
C VAL A 85 16.13 18.36 7.89
N ARG A 86 17.33 17.77 7.96
CA ARG A 86 18.11 17.69 9.20
C ARG A 86 19.17 18.78 9.23
N ARG A 87 19.24 19.50 10.35
CA ARG A 87 20.14 20.63 10.51
C ARG A 87 20.96 20.40 11.78
N CYS A 88 22.28 20.50 11.67
CA CYS A 88 23.13 20.28 12.84
C CYS A 88 23.09 21.51 13.75
N ARG A 89 23.84 21.43 14.85
CA ARG A 89 23.95 22.57 15.75
C ARG A 89 24.73 23.71 15.11
N TRP A 90 25.75 23.38 14.32
CA TRP A 90 26.53 24.40 13.64
C TRP A 90 25.82 24.97 12.41
N ALA A 91 24.58 24.55 12.14
CA ALA A 91 23.83 25.11 11.03
C ALA A 91 23.56 26.61 11.25
N GLY A 92 23.20 26.99 12.47
CA GLY A 92 22.96 28.39 12.78
C GLY A 92 21.75 28.62 13.65
N ASP A 93 20.73 27.76 13.51
CA ASP A 93 19.52 27.88 14.30
C ASP A 93 19.46 26.92 15.48
N CYS A 94 20.07 25.75 15.35
CA CYS A 94 20.07 24.75 16.41
C CYS A 94 21.18 25.10 17.40
N GLN A 95 20.80 25.53 18.60
CA GLN A 95 21.76 25.85 19.65
C GLN A 95 21.62 24.94 20.86
N SER A 96 20.41 24.82 21.40
CA SER A 96 20.14 23.88 22.49
C SER A 96 18.85 23.12 22.28
N GLY A 97 18.41 22.97 21.03
CA GLY A 97 17.16 22.35 20.65
C GLY A 97 16.44 23.21 19.64
N CYS A 98 15.19 22.85 19.37
CA CYS A 98 14.39 23.66 18.45
C CYS A 98 14.10 25.00 19.10
N PRO A 99 14.46 26.11 18.48
CA PRO A 99 14.17 27.42 19.07
C PRO A 99 12.67 27.64 19.16
N PRO A 100 12.19 28.23 20.25
CA PRO A 100 10.75 28.46 20.40
C PRO A 100 10.18 29.44 19.39
N HIS A 101 10.99 29.97 18.47
CA HIS A 101 10.51 30.86 17.42
C HIS A 101 9.81 30.12 16.30
N PHE A 102 9.84 28.79 16.30
CA PHE A 102 9.25 27.98 15.23
C PHE A 102 7.92 27.41 15.68
N THR A 103 6.87 27.68 14.91
CA THR A 103 5.55 27.13 15.20
C THR A 103 4.99 26.39 13.98
N SER A 104 3.71 26.02 14.04
CA SER A 104 3.13 25.19 12.99
C SER A 104 3.13 25.90 11.64
N ASN A 105 2.73 27.17 11.62
CA ASN A 105 2.64 27.90 10.37
C ASN A 105 3.98 28.40 9.87
N SER A 106 4.99 28.43 10.71
CA SER A 106 6.31 28.90 10.29
C SER A 106 6.91 27.93 9.27
N PHE A 107 7.91 28.42 8.55
CA PHE A 107 8.56 27.68 7.49
C PHE A 107 10.05 27.54 7.79
N SER A 108 10.76 26.83 6.91
CA SER A 108 12.20 26.68 7.01
C SER A 108 12.81 26.84 5.62
N ASP A 109 14.08 27.26 5.61
CA ASP A 109 14.76 27.63 4.38
C ASP A 109 15.67 26.52 3.84
N ASP A 110 15.96 25.49 4.62
CA ASP A 110 16.77 24.39 4.15
C ASP A 110 15.96 23.28 3.49
N TRP A 111 14.64 23.45 3.40
CA TRP A 111 13.81 22.53 2.65
C TRP A 111 14.02 22.75 1.15
N ALA A 112 13.24 22.03 0.35
CA ALA A 112 13.29 22.23 -1.09
C ALA A 112 12.71 23.60 -1.44
N GLY A 113 13.46 24.37 -2.23
CA GLY A 113 12.97 25.67 -2.66
C GLY A 113 11.82 25.62 -3.64
N LYS A 114 11.54 24.44 -4.19
CA LYS A 114 10.42 24.28 -5.11
C LYS A 114 9.08 24.48 -4.42
N MET A 115 9.04 24.42 -3.09
CA MET A 115 7.79 24.55 -2.37
C MET A 115 7.19 25.93 -2.55
N ASP A 116 5.89 25.97 -2.80
CA ASP A 116 5.17 27.23 -2.92
C ASP A 116 4.84 27.75 -1.54
N ARG A 117 5.42 28.89 -1.16
CA ARG A 117 5.22 29.44 0.17
C ARG A 117 3.74 29.73 0.42
N ALA A 118 2.99 30.10 -0.60
CA ALA A 118 1.58 30.43 -0.43
C ALA A 118 0.73 29.21 -0.11
N GLY A 119 1.22 28.01 -0.40
CA GLY A 119 0.39 26.83 -0.30
C GLY A 119 0.10 26.42 1.13
N LEU A 120 -0.96 25.63 1.27
CA LEU A 120 -1.33 25.05 2.56
C LEU A 120 -0.30 24.03 2.99
N GLY A 121 -0.23 23.81 4.30
CA GLY A 121 0.71 22.84 4.83
C GLY A 121 0.71 22.82 6.34
N PHE A 122 1.68 22.11 6.88
CA PHE A 122 1.87 21.94 8.31
C PHE A 122 3.34 21.66 8.57
N SER A 123 3.91 22.34 9.55
CA SER A 123 5.35 22.28 9.80
C SER A 123 5.61 22.00 11.27
N GLY A 124 6.78 21.42 11.53
CA GLY A 124 7.18 21.10 12.89
C GLY A 124 8.67 20.93 12.99
N CYS A 125 9.15 21.01 14.24
CA CYS A 125 10.57 20.85 14.53
C CYS A 125 10.73 19.85 15.68
N SER A 126 11.86 19.15 15.68
CA SER A 126 12.04 18.14 16.71
C SER A 126 13.52 17.86 16.91
N ASP A 127 13.82 17.22 18.03
CA ASP A 127 15.16 16.68 18.25
C ASP A 127 15.32 15.40 17.46
N GLY A 128 16.52 15.20 16.91
CA GLY A 128 16.79 14.06 16.07
C GLY A 128 18.03 13.31 16.53
N CYS A 129 18.68 12.64 15.57
CA CYS A 129 19.88 11.89 15.87
C CYS A 129 21.04 12.81 16.22
N GLY A 130 21.95 12.31 17.04
CA GLY A 130 23.18 13.02 17.35
C GLY A 130 24.38 12.10 17.42
N GLY A 131 25.38 12.37 16.60
CA GLY A 131 26.58 11.54 16.59
C GLY A 131 27.34 11.71 15.30
N ALA A 132 28.52 11.07 15.27
CA ALA A 132 29.36 11.13 14.08
C ALA A 132 28.79 10.33 12.92
N ALA A 133 27.83 9.45 13.18
CA ALA A 133 27.22 8.63 12.14
C ALA A 133 25.99 9.27 11.51
N CYS A 134 25.59 10.46 11.98
CA CYS A 134 24.42 11.16 11.45
C CYS A 134 24.79 12.49 10.81
N GLY A 135 26.03 12.63 10.32
CA GLY A 135 26.42 13.78 9.54
C GLY A 135 26.74 15.03 10.32
N CYS A 136 26.59 15.01 11.65
CA CYS A 136 26.89 16.16 12.49
C CYS A 136 28.17 15.89 13.27
N PHE A 137 29.13 16.81 13.18
CA PHE A 137 30.40 16.65 13.85
C PHE A 137 30.28 16.99 15.33
N ASN A 138 31.29 16.58 16.09
CA ASN A 138 31.41 16.85 17.52
C ASN A 138 30.28 16.21 18.33
N ALA A 139 29.54 15.28 17.73
CA ALA A 139 28.44 14.57 18.41
C ALA A 139 27.43 15.55 19.01
N ALA A 140 27.14 16.61 18.26
CA ALA A 140 26.22 17.64 18.71
C ALA A 140 24.78 17.23 18.37
N PRO A 141 23.87 17.21 19.35
CA PRO A 141 22.47 16.92 19.03
C PRO A 141 21.89 17.93 18.06
N SER A 142 21.10 17.45 17.12
CA SER A 142 20.68 18.25 15.98
C SER A 142 19.20 18.63 16.09
N CYS A 143 18.74 19.39 15.11
CA CYS A 143 17.36 19.84 15.00
C CYS A 143 16.84 19.45 13.62
N ILE A 144 15.71 18.75 13.58
CA ILE A 144 15.15 18.27 12.32
C ILE A 144 13.81 18.96 12.10
N PHE A 145 13.66 19.61 10.95
CA PHE A 145 12.43 20.26 10.56
C PHE A 145 11.68 19.38 9.58
N TRP A 146 10.35 19.51 9.57
CA TRP A 146 9.55 18.73 8.65
C TRP A 146 8.29 19.51 8.30
N ARG A 147 7.70 19.14 7.16
CA ARG A 147 6.52 19.80 6.63
C ARG A 147 5.77 18.81 5.76
N LYS A 148 4.44 18.91 5.77
CA LYS A 148 3.59 18.14 4.87
C LYS A 148 2.52 19.06 4.28
N TRP A 149 2.13 18.77 3.04
CA TRP A 149 1.24 19.65 2.29
C TRP A 149 0.51 18.82 1.24
N VAL A 150 -0.39 19.47 0.52
CA VAL A 150 -1.11 18.84 -0.57
C VAL A 150 -1.07 19.77 -1.78
N GLU A 151 -1.33 19.19 -2.95
CA GLU A 151 -1.28 19.92 -4.21
C GLU A 151 -2.23 19.28 -5.21
N ASN A 152 -2.50 20.03 -6.28
CA ASN A 152 -3.40 19.61 -7.35
C ASN A 152 -2.65 19.66 -8.69
N PRO A 153 -2.18 18.53 -9.20
CA PRO A 153 -1.48 18.55 -10.50
C PRO A 153 -2.43 18.63 -11.68
N HIS A 154 -3.61 18.04 -11.58
CA HIS A 154 -4.55 18.02 -12.69
C HIS A 154 -5.61 19.11 -12.62
N GLY A 155 -5.71 19.83 -11.51
CA GLY A 155 -6.64 20.94 -11.41
C GLY A 155 -8.10 20.53 -11.48
N ILE A 156 -8.39 19.25 -11.29
CA ILE A 156 -9.76 18.76 -11.35
C ILE A 156 -10.42 19.08 -10.01
N ILE A 157 -11.07 20.24 -9.92
CA ILE A 157 -11.71 20.72 -8.71
C ILE A 157 -13.22 20.64 -8.90
N TRP A 158 -13.92 20.19 -7.87
CA TRP A 158 -15.35 19.94 -7.97
C TRP A 158 -16.10 20.91 -7.07
N LYS A 159 -17.16 21.52 -7.61
CA LYS A 159 -17.94 22.50 -6.88
C LYS A 159 -19.06 21.79 -6.12
N VAL A 160 -19.07 21.95 -4.80
CA VAL A 160 -19.95 21.17 -3.92
C VAL A 160 -20.96 22.11 -3.30
N SER A 161 -22.24 21.77 -3.47
CA SER A 161 -23.36 22.46 -2.83
C SER A 161 -24.20 21.45 -2.08
N PRO A 162 -24.24 21.49 -0.75
CA PRO A 162 -25.01 20.49 0.00
C PRO A 162 -26.50 20.55 -0.30
N CYS A 163 -27.15 19.39 -0.22
CA CYS A 163 -28.59 19.28 -0.35
C CYS A 163 -29.19 19.29 1.05
N VAL A 164 -29.73 20.45 1.45
CA VAL A 164 -30.35 20.56 2.77
C VAL A 164 -31.62 19.75 2.83
N ALA A 165 -32.48 19.86 1.82
CA ALA A 165 -33.74 19.14 1.77
C ALA A 165 -34.01 18.70 0.35
N TRP A 166 -34.68 17.55 0.21
CA TRP A 166 -34.98 16.99 -1.10
C TRP A 166 -36.39 17.35 -1.53
N VAL A 167 -36.54 17.69 -2.81
CA VAL A 167 -37.84 17.97 -3.39
C VAL A 167 -38.00 17.14 -4.66
N PRO A 168 -39.17 16.57 -4.93
CA PRO A 168 -39.35 15.76 -6.14
C PRO A 168 -39.42 16.65 -7.38
N SER A 169 -38.46 16.47 -8.28
CA SER A 169 -38.41 17.25 -9.51
C SER A 169 -37.57 16.55 -10.57
N LEU A 212 -29.80 9.29 1.90
CA LEU A 212 -30.86 10.27 1.73
C LEU A 212 -30.57 11.53 2.53
N THR A 213 -30.49 11.37 3.85
CA THR A 213 -30.22 12.50 4.73
C THR A 213 -28.79 13.00 4.56
N ASP A 214 -28.61 14.31 4.75
CA ASP A 214 -27.31 14.97 4.66
C ASP A 214 -26.66 14.77 3.30
N LEU A 215 -27.47 14.72 2.25
CA LEU A 215 -26.97 14.55 0.90
C LEU A 215 -26.47 15.88 0.34
N CYS A 216 -25.73 15.79 -0.76
CA CYS A 216 -25.12 16.96 -1.38
C CYS A 216 -25.00 16.74 -2.88
N GLU A 217 -24.71 17.82 -3.60
CA GLU A 217 -24.36 17.77 -5.01
C GLU A 217 -22.89 18.12 -5.18
N ILE A 218 -22.17 17.34 -5.97
CA ILE A 218 -20.76 17.57 -6.27
C ILE A 218 -20.65 17.66 -7.78
N GLU A 219 -20.73 18.88 -8.32
CA GLU A 219 -20.71 19.09 -9.75
C GLU A 219 -19.27 19.16 -10.24
N GLU A 220 -18.96 18.38 -11.28
CA GLU A 220 -17.66 18.45 -11.93
C GLU A 220 -17.57 19.71 -12.78
N LEU A 221 -16.42 20.36 -12.75
CA LEU A 221 -16.25 21.65 -13.43
C LEU A 221 -15.84 21.49 -14.89
N LYS A 222 -14.92 20.58 -15.19
CA LYS A 222 -14.41 20.44 -16.55
C LYS A 222 -15.40 19.70 -17.45
N SER A 223 -15.72 18.45 -17.10
CA SER A 223 -16.60 17.63 -17.92
C SER A 223 -18.08 17.88 -17.64
N LYS A 224 -18.40 18.73 -16.66
CA LYS A 224 -19.78 19.05 -16.30
C LYS A 224 -20.57 17.81 -15.90
N LYS A 225 -19.90 16.85 -15.28
CA LYS A 225 -20.57 15.65 -14.79
C LYS A 225 -21.23 15.93 -13.44
N LEU A 226 -22.41 15.36 -13.25
CA LEU A 226 -23.18 15.55 -12.03
C LEU A 226 -23.19 14.28 -11.20
N ALA A 227 -23.12 14.44 -9.88
CA ALA A 227 -23.11 13.30 -8.97
C ALA A 227 -23.76 13.69 -7.65
N LEU A 228 -24.19 12.67 -6.92
CA LEU A 228 -24.85 12.86 -5.63
C LEU A 228 -24.12 12.05 -4.57
N ALA A 229 -23.79 12.70 -3.44
CA ALA A 229 -23.09 12.03 -2.35
C ALA A 229 -23.20 12.89 -1.10
N PRO A 230 -23.32 12.30 0.07
CA PRO A 230 -23.39 13.10 1.30
C PRO A 230 -22.08 13.84 1.56
N CYS A 231 -22.20 14.99 2.21
CA CYS A 231 -21.03 15.79 2.52
C CYS A 231 -21.25 16.53 3.83
N ASN A 232 -20.15 16.96 4.43
CA ASN A 232 -20.18 17.70 5.68
C ASN A 232 -20.66 19.13 5.45
N GLN A 233 -21.09 19.77 6.53
CA GLN A 233 -21.47 21.17 6.46
C GLN A 233 -20.24 22.02 6.16
N ALA A 234 -20.46 23.11 5.42
CA ALA A 234 -19.36 23.93 4.95
C ALA A 234 -18.62 24.58 6.10
N GLY A 235 -17.40 24.11 6.37
CA GLY A 235 -16.61 24.64 7.46
C GLY A 235 -16.28 23.66 8.56
N MET A 236 -16.15 22.38 8.22
CA MET A 236 -15.68 21.39 9.19
C MET A 236 -14.98 20.26 8.48
N GLY A 237 -13.81 19.88 8.98
CA GLY A 237 -12.97 18.86 8.38
C GLY A 237 -13.14 17.46 8.95
N VAL A 238 -14.31 16.86 8.76
CA VAL A 238 -14.52 15.49 9.20
C VAL A 238 -13.82 14.54 8.23
N VAL A 239 -12.99 13.66 8.77
CA VAL A 239 -12.20 12.74 7.95
C VAL A 239 -13.06 11.55 7.56
N GLY A 240 -12.85 11.04 6.34
CA GLY A 240 -13.55 9.90 5.82
C GLY A 240 -14.77 10.22 4.99
N LYS A 241 -15.20 11.48 4.97
CA LYS A 241 -16.36 11.93 4.21
C LYS A 241 -15.93 12.96 3.19
N VAL A 242 -16.92 13.56 2.54
CA VAL A 242 -16.68 14.68 1.62
C VAL A 242 -16.66 15.96 2.43
N GLY A 243 -15.65 16.79 2.19
CA GLY A 243 -15.47 18.02 2.94
C GLY A 243 -14.16 18.06 3.69
N GLU A 244 -13.23 17.19 3.29
CA GLU A 244 -11.92 17.17 3.95
C GLU A 244 -11.13 18.44 3.66
N ILE A 245 -11.10 18.84 2.38
CA ILE A 245 -10.43 20.08 1.96
C ILE A 245 -11.49 20.97 1.33
N GLN A 246 -11.78 22.09 1.98
CA GLN A 246 -12.79 23.04 1.50
C GLN A 246 -12.10 24.36 1.19
N CYS A 247 -12.28 24.83 -0.04
CA CYS A 247 -11.73 26.10 -0.50
C CYS A 247 -12.87 27.00 -0.98
N SER A 248 -12.78 28.28 -0.64
CA SER A 248 -13.88 29.19 -0.91
C SER A 248 -14.07 29.42 -2.40
N SER A 249 -12.99 29.60 -3.15
CA SER A 249 -13.07 29.94 -4.56
C SER A 249 -12.21 28.99 -5.37
N GLU A 250 -12.55 28.86 -6.66
CA GLU A 250 -11.77 28.04 -7.57
C GLU A 250 -10.35 28.58 -7.73
N GLU A 251 -10.18 29.90 -7.61
CA GLU A 251 -8.84 30.47 -7.65
C GLU A 251 -8.01 29.98 -6.47
N SER A 252 -8.64 29.78 -5.32
CA SER A 252 -7.92 29.30 -4.14
C SER A 252 -7.49 27.85 -4.32
N ALA A 253 -8.35 27.01 -4.88
CA ALA A 253 -8.13 25.57 -4.90
C ALA A 253 -7.23 25.09 -6.03
N ARG A 254 -6.84 25.96 -6.95
CA ARG A 254 -6.02 25.55 -8.07
C ARG A 254 -4.56 25.36 -7.68
N THR A 255 -4.15 25.90 -6.54
CA THR A 255 -2.83 25.68 -5.99
C THR A 255 -2.88 25.35 -4.50
N ILE A 256 -4.05 25.49 -3.87
CA ILE A 256 -4.26 25.29 -2.44
C ILE A 256 -3.37 26.25 -1.67
N LYS A 257 -3.63 27.55 -1.84
CA LYS A 257 -2.94 28.56 -1.05
C LYS A 257 -3.44 28.52 0.39
N LYS A 258 -2.63 29.03 1.31
CA LYS A 258 -2.96 28.93 2.72
C LYS A 258 -4.11 29.83 3.13
N ASP A 259 -4.64 30.66 2.23
CA ASP A 259 -5.57 31.71 2.64
C ASP A 259 -6.99 31.18 2.80
N GLY A 260 -7.58 30.68 1.72
CA GLY A 260 -9.00 30.39 1.72
C GLY A 260 -9.39 28.93 1.83
N CYS A 261 -8.49 28.08 2.29
CA CYS A 261 -8.74 26.64 2.39
C CYS A 261 -8.53 26.18 3.83
N ILE A 262 -9.34 25.22 4.25
CA ILE A 262 -9.24 24.63 5.58
C ILE A 262 -8.63 23.23 5.45
N TRP A 263 -8.22 22.68 6.58
CA TRP A 263 -7.46 21.45 6.55
C TRP A 263 -7.46 20.80 7.93
N ASN A 264 -7.45 19.48 7.93
CA ASN A 264 -7.08 18.68 9.10
C ASN A 264 -5.74 18.04 8.80
N ALA A 265 -4.72 18.42 9.57
CA ALA A 265 -3.35 18.05 9.22
C ALA A 265 -3.18 16.53 9.17
N ASP A 266 -4.00 15.81 9.92
CA ASP A 266 -3.85 14.36 10.02
C ASP A 266 -4.29 13.64 8.76
N LEU A 267 -4.87 14.33 7.79
CA LEU A 267 -5.17 13.70 6.51
C LEU A 267 -3.92 13.25 5.79
N VAL A 268 -2.75 13.75 6.19
CA VAL A 268 -1.46 13.32 5.68
C VAL A 268 -0.65 12.80 6.85
N GLY A 269 0.05 11.70 6.65
CA GLY A 269 0.86 11.11 7.68
C GLY A 269 2.34 11.44 7.52
N ILE A 270 3.09 11.21 8.60
CA ILE A 270 4.52 11.46 8.60
C ILE A 270 5.18 10.65 9.72
N GLU A 271 6.28 9.98 9.40
CA GLU A 271 7.06 9.24 10.38
C GLU A 271 8.52 9.35 9.98
N LEU A 272 9.29 10.14 10.74
CA LEU A 272 10.62 10.53 10.33
C LEU A 272 11.59 9.35 10.40
N ARG A 273 12.61 9.40 9.53
CA ARG A 273 13.82 8.61 9.71
C ARG A 273 15.01 9.54 9.89
N VAL A 274 16.20 8.94 9.78
CA VAL A 274 17.44 9.69 9.90
C VAL A 274 17.49 10.83 8.89
N ASP A 275 16.98 10.60 7.68
CA ASP A 275 17.03 11.58 6.61
C ASP A 275 15.66 12.10 6.20
N ASP A 276 14.73 11.21 5.84
CA ASP A 276 13.45 11.65 5.30
C ASP A 276 12.29 11.14 6.12
N ALA A 277 11.07 11.40 5.65
CA ALA A 277 9.84 11.01 6.33
C ALA A 277 9.02 10.12 5.42
N VAL A 278 7.79 9.82 5.85
CA VAL A 278 6.87 9.00 5.09
C VAL A 278 5.65 9.85 4.77
N CYS A 279 5.30 9.93 3.49
CA CYS A 279 4.05 10.58 3.10
C CYS A 279 2.91 9.55 3.17
N TYR A 280 2.59 9.17 4.40
CA TYR A 280 1.38 8.39 4.62
C TYR A 280 0.17 9.21 4.20
N SER A 281 -0.80 8.54 3.58
CA SER A 281 -1.98 9.21 3.04
C SER A 281 -3.23 8.55 3.61
N LYS A 282 -4.07 9.35 4.26
CA LYS A 282 -5.44 8.96 4.56
C LYS A 282 -6.43 9.65 3.63
N ILE A 283 -5.94 10.25 2.54
CA ILE A 283 -6.78 11.05 1.66
C ILE A 283 -7.81 10.15 0.99
N THR A 284 -9.07 10.58 1.05
CA THR A 284 -10.18 9.85 0.45
C THR A 284 -10.63 10.59 -0.80
N SER A 285 -10.56 9.93 -1.94
CA SER A 285 -10.94 10.55 -3.21
C SER A 285 -12.45 10.64 -3.33
N VAL A 286 -12.94 11.80 -3.76
CA VAL A 286 -14.37 11.97 -3.99
C VAL A 286 -14.79 11.20 -5.24
N GLU A 287 -13.85 10.96 -6.15
CA GLU A 287 -14.17 10.25 -7.39
C GLU A 287 -14.62 8.82 -7.12
N ALA A 288 -13.91 8.13 -6.22
CA ALA A 288 -14.29 6.76 -5.90
C ALA A 288 -15.64 6.70 -5.21
N VAL A 289 -16.04 7.78 -4.57
CA VAL A 289 -17.34 7.82 -3.88
C VAL A 289 -18.46 8.21 -4.83
N ALA A 290 -18.17 9.04 -5.83
CA ALA A 290 -19.20 9.55 -6.73
C ALA A 290 -19.34 8.74 -8.01
N ASN A 291 -18.38 7.87 -8.34
CA ASN A 291 -18.47 7.08 -9.56
C ASN A 291 -19.39 5.88 -9.38
N TYR A 292 -19.19 5.11 -8.30
CA TYR A 292 -20.09 3.99 -8.03
C TYR A 292 -21.49 4.46 -7.68
N SER A 293 -21.62 5.66 -7.12
CA SER A 293 -22.90 6.23 -6.74
C SER A 293 -23.48 7.14 -7.81
N ALA A 294 -22.84 7.22 -8.97
CA ALA A 294 -23.33 8.05 -10.07
C ALA A 294 -24.65 7.54 -10.62
N GLN B 134 17.42 11.49 22.22
CA GLN B 134 16.78 11.22 23.49
C GLN B 134 15.76 12.29 23.87
N VAL B 135 14.57 12.24 23.26
CA VAL B 135 13.47 13.07 23.72
C VAL B 135 13.00 12.55 25.08
N GLN B 136 12.84 13.45 26.04
CA GLN B 136 12.59 13.06 27.41
C GLN B 136 11.30 13.63 27.95
N LEU B 137 10.69 12.90 28.89
CA LEU B 137 9.45 13.28 29.53
C LEU B 137 9.57 13.00 31.02
N VAL B 138 8.66 13.60 31.79
CA VAL B 138 8.56 13.32 33.22
C VAL B 138 7.09 13.14 33.56
N GLN B 139 6.82 12.49 34.69
CA GLN B 139 5.44 12.28 35.12
C GLN B 139 5.36 12.36 36.64
N SER B 140 4.14 12.59 37.12
CA SER B 140 3.89 12.69 38.55
C SER B 140 2.44 12.35 38.84
N GLY B 141 2.19 11.87 40.06
CA GLY B 141 0.84 11.67 40.54
C GLY B 141 0.50 10.29 41.07
N GLY B 142 1.49 9.43 41.26
CA GLY B 142 1.23 8.07 41.70
C GLY B 142 0.96 7.96 43.19
N GLY B 143 0.52 6.78 43.59
CA GLY B 143 0.27 6.47 44.99
C GLY B 143 -0.93 5.56 45.15
N VAL B 144 -1.56 5.66 46.32
CA VAL B 144 -2.68 4.82 46.69
C VAL B 144 -3.90 5.68 46.92
N VAL B 145 -5.08 5.13 46.62
CA VAL B 145 -6.33 5.87 46.74
C VAL B 145 -7.45 4.88 47.00
N LYS B 146 -8.42 5.30 47.82
CA LYS B 146 -9.56 4.47 48.16
C LYS B 146 -10.57 4.49 47.03
N THR B 147 -11.62 3.67 47.17
CA THR B 147 -12.61 3.52 46.12
C THR B 147 -13.57 4.72 46.09
N GLY B 148 -14.09 4.99 44.90
CA GLY B 148 -15.10 6.01 44.70
C GLY B 148 -14.58 7.41 44.48
N ARG B 149 -13.29 7.64 44.65
CA ARG B 149 -12.69 8.96 44.52
C ARG B 149 -12.18 9.18 43.10
N SER B 150 -11.39 10.23 42.91
CA SER B 150 -10.76 10.55 41.64
C SER B 150 -9.27 10.74 41.85
N GLN B 151 -8.54 10.86 40.75
CA GLN B 151 -7.09 11.03 40.80
C GLN B 151 -6.62 11.62 39.48
N ARG B 152 -5.42 12.21 39.51
CA ARG B 152 -4.86 12.92 38.37
C ARG B 152 -3.37 12.62 38.23
N VAL B 153 -2.92 12.50 36.99
CA VAL B 153 -1.52 12.21 36.67
C VAL B 153 -1.06 13.21 35.61
N SER B 154 0.20 13.65 35.72
CA SER B 154 0.76 14.65 34.83
C SER B 154 1.98 14.13 34.10
N CYS B 155 2.11 14.56 32.84
CA CYS B 155 3.20 14.15 31.95
C CYS B 155 3.72 15.42 31.27
N ALA B 156 4.93 15.83 31.63
CA ALA B 156 5.52 17.07 31.14
C ALA B 156 6.67 16.78 30.18
N THR B 157 6.69 17.51 29.06
CA THR B 157 7.54 17.19 27.93
C THR B 157 8.45 18.35 27.58
N SER B 158 9.62 18.02 27.01
CA SER B 158 10.59 19.03 26.60
C SER B 158 11.55 18.41 25.60
N GLY B 159 11.71 19.07 24.45
CA GLY B 159 12.63 18.58 23.44
C GLY B 159 12.02 18.45 22.06
N PHE B 160 10.81 18.96 21.87
CA PHE B 160 10.15 18.87 20.58
C PHE B 160 9.08 19.93 20.50
N THR B 161 8.57 20.15 19.28
CA THR B 161 7.52 21.14 19.05
C THR B 161 6.21 20.62 19.62
N PHE B 162 5.86 21.11 20.80
CA PHE B 162 4.69 20.62 21.53
C PHE B 162 3.40 20.89 20.79
N SER B 163 3.39 21.83 19.84
CA SER B 163 2.15 22.11 19.12
C SER B 163 1.88 21.10 18.00
N SER B 164 2.89 20.39 17.52
CA SER B 164 2.75 19.54 16.34
C SER B 164 2.77 18.04 16.67
N TYR B 165 2.17 17.65 17.80
CA TYR B 165 2.24 16.26 18.23
C TYR B 165 1.01 15.94 19.07
N ALA B 166 0.85 14.65 19.36
CA ALA B 166 -0.30 14.09 20.07
C ALA B 166 0.18 13.12 21.13
N ILE B 167 -0.65 12.91 22.15
CA ILE B 167 -0.22 12.26 23.38
C ILE B 167 -1.11 11.06 23.68
N HIS B 168 -0.49 9.99 24.19
CA HIS B 168 -1.16 8.72 24.48
C HIS B 168 -0.82 8.25 25.90
N TRP B 169 -1.73 7.45 26.46
CA TRP B 169 -1.57 6.79 27.75
C TRP B 169 -1.67 5.28 27.59
N VAL B 170 -0.88 4.55 28.37
CA VAL B 170 -0.88 3.09 28.34
C VAL B 170 -0.83 2.58 29.78
N ARG B 171 -1.60 1.54 30.06
CA ARG B 171 -1.62 0.93 31.39
C ARG B 171 -1.22 -0.54 31.30
N GLN B 172 -0.60 -1.02 32.37
CA GLN B 172 -0.09 -2.39 32.44
C GLN B 172 -0.49 -2.97 33.79
N ALA B 173 -1.39 -3.95 33.78
CA ALA B 173 -1.77 -4.60 35.02
C ALA B 173 -0.61 -5.47 35.51
N PRO B 174 -0.47 -5.62 36.83
CA PRO B 174 0.65 -6.42 37.36
C PRO B 174 0.45 -7.90 37.05
N GLY B 175 1.41 -8.47 36.33
CA GLY B 175 1.35 -9.87 35.97
C GLY B 175 0.57 -10.19 34.72
N LYS B 176 0.13 -9.18 33.97
CA LYS B 176 -0.66 -9.41 32.76
C LYS B 176 -0.15 -8.53 31.63
N GLY B 177 -0.92 -8.44 30.54
CA GLY B 177 -0.51 -7.71 29.37
C GLY B 177 -0.82 -6.22 29.44
N LEU B 178 -0.56 -5.55 28.33
CA LEU B 178 -0.77 -4.11 28.19
C LEU B 178 -2.19 -3.84 27.71
N GLU B 179 -2.62 -2.59 27.85
CA GLU B 179 -3.95 -2.20 27.42
C GLU B 179 -3.94 -0.72 27.01
N TRP B 180 -4.75 -0.41 26.01
CA TRP B 180 -4.83 0.95 25.49
C TRP B 180 -5.82 1.77 26.31
N VAL B 181 -5.50 3.05 26.50
CA VAL B 181 -6.20 3.91 27.45
C VAL B 181 -6.93 5.05 26.75
N ALA B 182 -6.20 5.96 26.11
CA ALA B 182 -6.80 7.16 25.54
C ALA B 182 -5.83 7.77 24.53
N VAL B 183 -6.29 8.81 23.85
CA VAL B 183 -5.44 9.55 22.92
C VAL B 183 -6.00 10.97 22.75
N ILE B 184 -5.08 11.95 22.77
CA ILE B 184 -5.41 13.35 22.54
C ILE B 184 -4.55 13.86 21.39
N SER B 185 -5.15 14.70 20.55
CA SER B 185 -4.50 15.24 19.36
C SER B 185 -3.80 16.56 19.69
N TYR B 186 -3.34 17.28 18.66
CA TYR B 186 -2.51 18.46 18.86
C TYR B 186 -3.31 19.73 19.09
N ASP B 187 -4.63 19.67 19.04
CA ASP B 187 -5.44 20.87 19.20
C ASP B 187 -6.66 20.69 20.09
N GLY B 188 -6.91 19.48 20.59
CA GLY B 188 -8.10 19.21 21.35
C GLY B 188 -9.31 18.90 20.53
N SER B 189 -9.26 19.13 19.21
CA SER B 189 -10.38 18.79 18.35
C SER B 189 -10.63 17.30 18.33
N ASN B 190 -9.58 16.50 18.29
CA ASN B 190 -9.70 15.05 18.19
C ASN B 190 -9.30 14.42 19.53
N LYS B 191 -10.24 13.68 20.11
CA LYS B 191 -10.01 12.92 21.33
C LYS B 191 -10.63 11.55 21.15
N TYR B 192 -9.97 10.52 21.70
CA TYR B 192 -10.59 9.21 21.65
C TYR B 192 -10.29 8.44 22.93
N TYR B 193 -11.30 7.74 23.43
CA TYR B 193 -11.22 7.00 24.69
C TYR B 193 -11.41 5.52 24.44
N ALA B 194 -10.87 4.71 25.35
CA ALA B 194 -10.98 3.26 25.23
C ALA B 194 -12.41 2.80 25.50
N ASP B 195 -12.79 1.68 24.88
CA ASP B 195 -14.15 1.18 25.01
C ASP B 195 -14.47 0.76 26.44
N SER B 196 -13.52 0.10 27.11
CA SER B 196 -13.78 -0.40 28.47
C SER B 196 -13.96 0.73 29.46
N VAL B 197 -13.23 1.83 29.29
CA VAL B 197 -13.28 2.96 30.21
C VAL B 197 -13.84 4.17 29.48
N LYS B 198 -14.75 3.92 28.53
CA LYS B 198 -15.38 4.99 27.78
C LYS B 198 -16.34 5.78 28.67
N GLY B 199 -16.24 7.11 28.60
CA GLY B 199 -17.13 7.99 29.33
C GLY B 199 -16.73 8.27 30.76
N ARG B 200 -15.60 7.75 31.24
CA ARG B 200 -15.18 7.95 32.61
C ARG B 200 -13.86 8.67 32.77
N PHE B 201 -12.99 8.64 31.76
CA PHE B 201 -11.67 9.25 31.86
C PHE B 201 -11.66 10.60 31.16
N THR B 202 -10.61 11.37 31.43
CA THR B 202 -10.45 12.67 30.79
C THR B 202 -8.97 12.94 30.54
N ILE B 203 -8.65 13.43 29.34
CA ILE B 203 -7.29 13.79 28.96
C ILE B 203 -7.28 15.20 28.44
N SER B 204 -6.31 16.00 28.91
CA SER B 204 -6.18 17.37 28.42
C SER B 204 -4.71 17.72 28.38
N ARG B 205 -4.40 18.82 27.69
CA ARG B 205 -3.03 19.30 27.56
C ARG B 205 -2.99 20.81 27.77
N ASP B 206 -1.84 21.30 28.23
CA ASP B 206 -1.61 22.73 28.40
C ASP B 206 -0.52 23.14 27.40
N SER B 207 -0.94 23.81 26.31
CA SER B 207 -0.02 24.19 25.26
C SER B 207 0.97 25.26 25.70
N SER B 208 0.77 25.88 26.85
CA SER B 208 1.67 26.89 27.36
C SER B 208 2.76 26.30 28.25
N LYS B 209 2.35 25.56 29.29
CA LYS B 209 3.29 24.96 30.23
C LYS B 209 3.85 23.63 29.74
N ASN B 210 3.25 23.06 28.70
CA ASN B 210 3.71 21.79 28.10
C ASN B 210 3.59 20.63 29.09
N THR B 211 2.35 20.37 29.52
CA THR B 211 2.06 19.23 30.37
C THR B 211 0.67 18.69 30.06
N VAL B 212 0.55 17.37 30.06
CA VAL B 212 -0.70 16.67 29.78
C VAL B 212 -1.22 16.09 31.10
N TYR B 213 -2.50 16.28 31.35
CA TYR B 213 -3.14 15.85 32.59
C TYR B 213 -4.20 14.81 32.30
N LEU B 214 -4.17 13.72 33.07
CA LEU B 214 -5.15 12.65 32.99
C LEU B 214 -5.94 12.63 34.28
N GLN B 215 -7.27 12.65 34.16
CA GLN B 215 -8.19 12.65 35.29
C GLN B 215 -9.05 11.39 35.22
N MET B 216 -9.05 10.61 36.29
CA MET B 216 -9.86 9.40 36.36
C MET B 216 -10.98 9.62 37.35
N ASN B 217 -12.22 9.40 36.92
CA ASN B 217 -13.39 9.63 37.73
C ASN B 217 -14.19 8.34 37.89
N SER B 218 -14.80 8.18 39.06
CA SER B 218 -15.57 6.99 39.42
C SER B 218 -14.68 5.74 39.38
N LEU B 219 -13.64 5.78 40.22
CA LEU B 219 -12.67 4.70 40.26
C LEU B 219 -13.29 3.44 40.85
N ARG B 220 -12.71 2.30 40.49
CA ARG B 220 -13.06 1.01 41.06
C ARG B 220 -11.79 0.35 41.56
N THR B 221 -11.93 -0.84 42.13
CA THR B 221 -10.80 -1.60 42.64
C THR B 221 -10.15 -2.49 41.61
N GLU B 222 -10.65 -2.49 40.37
CA GLU B 222 -10.07 -3.28 39.30
C GLU B 222 -9.37 -2.41 38.26
N ASP B 223 -9.02 -1.18 38.61
CA ASP B 223 -8.27 -0.29 37.74
C ASP B 223 -6.78 -0.26 38.07
N THR B 224 -6.33 -1.11 39.00
CA THR B 224 -4.94 -1.07 39.45
C THR B 224 -4.00 -1.52 38.35
N ALA B 225 -2.97 -0.73 38.10
CA ALA B 225 -2.00 -1.00 37.05
C ALA B 225 -0.83 -0.04 37.23
N VAL B 226 0.08 -0.05 36.27
CA VAL B 226 1.19 0.89 36.18
C VAL B 226 1.01 1.68 34.89
N TYR B 227 1.17 3.00 34.97
CA TYR B 227 0.81 3.90 33.88
C TYR B 227 2.03 4.53 33.23
N TYR B 228 1.96 4.66 31.90
CA TYR B 228 3.03 5.24 31.09
C TYR B 228 2.43 6.22 30.09
N CYS B 229 3.26 7.18 29.67
CA CYS B 229 2.89 8.27 28.80
C CYS B 229 3.75 8.21 27.54
N ALA B 230 3.11 8.29 26.37
CA ALA B 230 3.78 8.10 25.08
C ALA B 230 3.36 9.18 24.09
N ARG B 231 4.10 9.25 22.98
CA ARG B 231 3.96 10.35 22.02
C ARG B 231 3.75 9.80 20.61
N SER B 232 3.08 10.60 19.78
CA SER B 232 2.88 10.27 18.38
C SER B 232 2.68 11.56 17.60
N GLN B 233 2.84 11.48 16.28
CA GLN B 233 2.65 12.67 15.46
C GLN B 233 1.17 12.89 15.12
N ALA B 234 0.57 11.95 14.41
CA ALA B 234 -0.85 11.98 14.12
C ALA B 234 -1.60 11.07 15.09
N SER B 235 -2.91 11.25 15.16
CA SER B 235 -3.71 10.52 16.11
C SER B 235 -3.76 9.02 15.83
N TRP B 236 -3.32 8.56 14.66
CA TRP B 236 -3.52 7.17 14.27
C TRP B 236 -2.23 6.40 13.99
N GLN B 237 -1.06 7.01 14.13
CA GLN B 237 0.16 6.25 13.93
C GLN B 237 0.52 5.51 15.22
N ALA B 238 1.72 4.96 15.27
CA ALA B 238 2.19 4.22 16.41
C ALA B 238 2.79 5.18 17.43
N PHE B 239 3.45 4.64 18.45
CA PHE B 239 4.10 5.44 19.47
C PHE B 239 5.59 5.50 19.15
N ASP B 240 6.28 6.50 19.70
CA ASP B 240 7.72 6.56 19.47
C ASP B 240 8.53 6.52 20.75
N TYR B 241 8.20 7.35 21.74
CA TYR B 241 8.96 7.44 22.98
C TYR B 241 8.01 7.34 24.16
N TRP B 242 8.49 6.73 25.24
CA TRP B 242 7.73 6.53 26.47
C TRP B 242 8.30 7.43 27.56
N GLY B 243 7.77 7.26 28.77
CA GLY B 243 8.29 7.94 29.94
C GLY B 243 8.88 6.97 30.93
N GLN B 244 8.60 7.16 32.22
CA GLN B 244 9.02 6.23 33.24
C GLN B 244 7.87 5.57 33.98
N GLY B 245 6.67 6.12 33.91
CA GLY B 245 5.50 5.49 34.49
C GLY B 245 5.43 5.64 36.00
N THR B 246 4.25 5.32 36.54
CA THR B 246 3.98 5.39 37.98
C THR B 246 3.03 4.28 38.36
N LEU B 247 2.86 4.08 39.67
CA LEU B 247 1.90 3.12 40.21
C LEU B 247 0.69 3.84 40.76
N VAL B 248 -0.50 3.34 40.45
CA VAL B 248 -1.75 3.81 41.02
C VAL B 248 -2.48 2.60 41.61
N THR B 249 -2.77 2.65 42.90
CA THR B 249 -3.32 1.50 43.60
C THR B 249 -4.67 1.86 44.22
N VAL B 250 -5.60 0.91 44.18
CA VAL B 250 -6.95 1.10 44.70
C VAL B 250 -7.30 -0.05 45.62
N SER B 251 -7.87 0.27 46.78
CA SER B 251 -8.40 -0.71 47.72
C SER B 251 -9.20 0.05 48.77
N SER B 252 -9.84 -0.71 49.67
CA SER B 252 -10.74 -0.13 50.66
C SER B 252 -10.14 -0.06 52.06
N ALA B 253 -8.92 -0.52 52.26
CA ALA B 253 -8.30 -0.55 53.58
C ALA B 253 -7.52 0.74 53.82
N SER B 254 -6.71 0.76 54.88
CA SER B 254 -5.91 1.92 55.25
C SER B 254 -4.50 1.46 55.60
N THR B 255 -3.59 2.43 55.63
CA THR B 255 -2.16 2.11 55.78
C THR B 255 -1.89 1.39 57.09
N LYS B 256 -0.92 0.47 57.05
CA LYS B 256 -0.64 -0.39 58.18
C LYS B 256 0.69 -1.11 57.94
N GLY B 257 1.51 -1.22 58.98
CA GLY B 257 2.82 -1.83 58.86
C GLY B 257 2.84 -3.26 59.35
N PRO B 258 3.65 -4.09 58.70
CA PRO B 258 3.57 -5.53 58.93
C PRO B 258 4.31 -5.96 60.19
N SER B 259 4.03 -7.20 60.60
CA SER B 259 4.73 -7.85 61.70
C SER B 259 5.18 -9.22 61.23
N VAL B 260 6.46 -9.52 61.41
CA VAL B 260 7.08 -10.70 60.82
C VAL B 260 7.26 -11.76 61.90
N PHE B 261 6.86 -12.99 61.57
CA PHE B 261 6.99 -14.14 62.46
C PHE B 261 7.98 -15.09 61.82
N PRO B 262 9.23 -15.14 62.27
CA PRO B 262 10.26 -15.90 61.54
C PRO B 262 9.97 -17.39 61.55
N LEU B 263 10.35 -18.04 60.44
CA LEU B 263 10.07 -19.45 60.26
C LEU B 263 11.24 -20.26 60.80
N ALA B 264 10.95 -21.23 61.66
CA ALA B 264 11.98 -22.00 62.35
C ALA B 264 12.38 -23.21 61.52
N PRO B 265 13.64 -23.35 61.16
CA PRO B 265 14.09 -24.62 60.57
C PRO B 265 14.08 -25.73 61.61
N SER B 266 13.81 -26.95 61.15
CA SER B 266 13.72 -28.09 62.05
C SER B 266 14.49 -29.27 61.49
N SER B 267 14.60 -30.31 62.32
CA SER B 267 15.22 -31.56 61.88
C SER B 267 14.37 -32.27 60.82
N LYS B 268 13.08 -31.94 60.71
CA LYS B 268 12.28 -32.44 59.60
C LYS B 268 12.78 -31.94 58.27
N SER B 269 13.26 -30.70 58.22
CA SER B 269 13.77 -30.08 57.00
C SER B 269 15.25 -30.35 56.78
N THR B 270 15.87 -31.14 57.65
CA THR B 270 17.29 -31.48 57.51
C THR B 270 17.46 -32.37 56.29
N SER B 271 18.09 -31.82 55.24
CA SER B 271 18.29 -32.54 53.98
C SER B 271 19.78 -32.48 53.63
N GLY B 272 20.49 -33.57 53.91
CA GLY B 272 21.91 -33.65 53.58
C GLY B 272 22.76 -32.65 54.31
N GLY B 273 22.42 -32.34 55.56
CA GLY B 273 23.20 -31.41 56.35
C GLY B 273 22.97 -29.95 56.02
N THR B 274 22.02 -29.64 55.14
CA THR B 274 21.67 -28.26 54.83
C THR B 274 20.15 -28.10 54.90
N ALA B 275 19.70 -27.02 55.51
CA ALA B 275 18.29 -26.73 55.73
C ALA B 275 18.00 -25.34 55.16
N ALA B 276 16.81 -24.81 55.48
CA ALA B 276 16.43 -23.49 55.02
C ALA B 276 15.71 -22.76 56.13
N LEU B 277 15.83 -21.44 56.14
CA LEU B 277 15.12 -20.60 57.10
C LEU B 277 14.83 -19.25 56.48
N GLY B 278 13.80 -18.59 57.00
CA GLY B 278 13.36 -17.35 56.38
C GLY B 278 12.43 -16.57 57.27
N CYS B 279 11.94 -15.46 56.73
CA CYS B 279 11.00 -14.58 57.41
C CYS B 279 9.77 -14.41 56.54
N LEU B 280 8.60 -14.59 57.15
CA LEU B 280 7.30 -14.41 56.51
C LEU B 280 6.71 -13.07 56.93
N VAL B 281 6.78 -12.09 56.05
CA VAL B 281 6.22 -10.77 56.32
C VAL B 281 4.76 -10.78 55.86
N LYS B 282 3.86 -10.40 56.77
CA LYS B 282 2.43 -10.57 56.53
C LYS B 282 1.68 -9.31 56.96
N ASP B 283 0.50 -9.12 56.37
CA ASP B 283 -0.46 -8.11 56.77
C ASP B 283 0.09 -6.70 56.58
N TYR B 284 0.36 -6.35 55.33
CA TYR B 284 0.73 -4.97 54.99
C TYR B 284 -0.03 -4.52 53.76
N PHE B 285 -0.34 -3.22 53.73
CA PHE B 285 -0.95 -2.55 52.58
C PHE B 285 -0.80 -1.04 52.74
N PRO B 286 -0.29 -0.33 51.73
CA PRO B 286 0.17 -0.85 50.44
C PRO B 286 1.67 -1.14 50.36
N GLU B 287 2.14 -1.35 49.14
CA GLU B 287 3.53 -1.69 48.86
C GLU B 287 4.45 -0.53 49.22
N PRO B 288 5.78 -0.72 49.15
CA PRO B 288 6.57 -1.95 49.05
C PRO B 288 7.00 -2.50 50.39
N VAL B 289 7.54 -3.72 50.39
CA VAL B 289 8.27 -4.26 51.53
C VAL B 289 9.55 -4.91 50.99
N THR B 290 10.65 -4.73 51.72
CA THR B 290 11.91 -5.36 51.37
C THR B 290 12.54 -5.96 52.62
N VAL B 291 13.39 -6.96 52.42
CA VAL B 291 14.00 -7.73 53.49
C VAL B 291 15.50 -7.80 53.26
N SER B 292 16.28 -7.58 54.32
CA SER B 292 17.72 -7.72 54.28
C SER B 292 18.16 -8.59 55.44
N TRP B 293 18.95 -9.62 55.14
CA TRP B 293 19.41 -10.56 56.15
C TRP B 293 20.73 -10.10 56.75
N ASN B 294 20.79 -10.06 58.08
CA ASN B 294 22.03 -9.77 58.81
C ASN B 294 22.66 -8.46 58.33
N SER B 295 21.81 -7.46 58.12
CA SER B 295 22.25 -6.14 57.66
C SER B 295 23.04 -6.23 56.36
N GLY B 296 22.61 -7.12 55.47
CA GLY B 296 23.26 -7.30 54.20
C GLY B 296 24.46 -8.23 54.21
N ALA B 297 24.86 -8.73 55.39
CA ALA B 297 25.97 -9.67 55.46
C ALA B 297 25.59 -11.03 54.90
N LEU B 298 24.34 -11.44 55.06
CA LEU B 298 23.82 -12.66 54.46
C LEU B 298 22.99 -12.24 53.24
N THR B 299 23.64 -12.20 52.09
CA THR B 299 23.00 -11.75 50.86
C THR B 299 22.97 -12.82 49.77
N SER B 300 23.89 -13.78 49.80
CA SER B 300 23.93 -14.83 48.79
C SER B 300 23.11 -16.03 49.23
N GLY B 301 22.42 -16.65 48.27
CA GLY B 301 21.63 -17.84 48.53
C GLY B 301 20.22 -17.59 49.01
N VAL B 302 19.80 -16.33 49.13
CA VAL B 302 18.49 -15.98 49.66
C VAL B 302 17.60 -15.52 48.51
N HIS B 303 16.32 -15.86 48.59
CA HIS B 303 15.31 -15.44 47.62
C HIS B 303 14.19 -14.74 48.35
N THR B 304 13.59 -13.76 47.70
CA THR B 304 12.41 -13.06 48.18
C THR B 304 11.32 -13.14 47.13
N PHE B 305 10.14 -13.51 47.53
CA PHE B 305 9.09 -13.85 46.59
C PHE B 305 8.23 -12.63 46.27
N PRO B 306 7.65 -12.60 45.07
CA PRO B 306 6.59 -11.62 44.80
C PRO B 306 5.40 -11.88 45.70
N ALA B 307 4.69 -10.82 46.06
CA ALA B 307 3.61 -10.93 47.01
C ALA B 307 2.34 -11.43 46.34
N VAL B 308 1.33 -11.70 47.16
CA VAL B 308 -0.02 -11.99 46.69
C VAL B 308 -0.99 -11.15 47.50
N LEU B 309 -2.13 -10.83 46.89
CA LEU B 309 -3.19 -10.04 47.53
C LEU B 309 -4.29 -10.99 47.97
N GLN B 310 -4.36 -11.26 49.27
CA GLN B 310 -5.28 -12.26 49.79
C GLN B 310 -6.72 -11.72 49.78
N SER B 311 -7.64 -12.53 50.29
CA SER B 311 -9.06 -12.18 50.26
C SER B 311 -9.35 -10.95 51.11
N SER B 312 -8.72 -10.85 52.28
CA SER B 312 -8.93 -9.68 53.12
C SER B 312 -8.48 -8.41 52.42
N GLY B 313 -7.35 -8.46 51.72
CA GLY B 313 -6.90 -7.32 50.95
C GLY B 313 -5.58 -6.73 51.39
N LEU B 314 -4.69 -7.57 51.91
CA LEU B 314 -3.37 -7.12 52.36
C LEU B 314 -2.30 -7.94 51.66
N TYR B 315 -1.36 -7.25 51.00
CA TYR B 315 -0.24 -7.94 50.38
C TYR B 315 0.68 -8.52 51.44
N SER B 316 1.22 -9.71 51.15
CA SER B 316 2.14 -10.38 52.04
C SER B 316 3.12 -11.21 51.23
N LEU B 317 4.30 -11.47 51.79
CA LEU B 317 5.29 -12.28 51.10
C LEU B 317 6.25 -12.88 52.10
N SER B 318 7.24 -13.60 51.58
CA SER B 318 8.22 -14.28 52.41
C SER B 318 9.57 -14.26 51.71
N SER B 319 10.61 -14.46 52.51
CA SER B 319 11.94 -14.63 51.94
C SER B 319 12.63 -15.74 52.71
N VAL B 320 13.38 -16.58 51.99
CA VAL B 320 14.03 -17.73 52.61
C VAL B 320 15.43 -17.90 52.02
N VAL B 321 16.30 -18.56 52.79
CA VAL B 321 17.65 -18.88 52.35
C VAL B 321 17.97 -20.31 52.77
N THR B 322 18.69 -21.01 51.90
CA THR B 322 19.13 -22.39 52.15
C THR B 322 20.57 -22.36 52.64
N VAL B 323 20.76 -22.74 53.91
CA VAL B 323 22.04 -22.60 54.58
C VAL B 323 22.41 -23.95 55.19
N PRO B 324 23.70 -24.19 55.40
CA PRO B 324 24.11 -25.45 56.04
C PRO B 324 23.52 -25.58 57.44
N SER B 325 23.14 -26.82 57.78
CA SER B 325 22.50 -27.08 59.07
C SER B 325 23.44 -26.89 60.25
N SER B 326 24.76 -26.95 60.02
CA SER B 326 25.69 -26.70 61.10
C SER B 326 25.57 -25.25 61.60
N SER B 327 25.41 -24.30 60.68
CA SER B 327 25.29 -22.90 61.05
C SER B 327 24.06 -22.63 61.89
N LEU B 328 23.09 -23.54 61.92
CA LEU B 328 21.94 -23.40 62.81
C LEU B 328 22.32 -23.53 64.28
N GLY B 329 23.52 -24.01 64.58
CA GLY B 329 23.92 -24.23 65.95
C GLY B 329 24.41 -22.99 66.66
N THR B 330 25.28 -22.22 66.01
CA THR B 330 25.87 -21.03 66.61
C THR B 330 25.76 -19.78 65.77
N GLN B 331 25.49 -19.90 64.47
CA GLN B 331 25.49 -18.74 63.57
C GLN B 331 24.04 -18.27 63.46
N THR B 332 23.64 -17.40 64.38
CA THR B 332 22.29 -16.87 64.43
C THR B 332 22.10 -15.83 63.33
N TYR B 333 20.84 -15.48 63.06
CA TYR B 333 20.52 -14.57 61.97
C TYR B 333 19.51 -13.53 62.43
N ILE B 334 19.57 -12.37 61.77
CA ILE B 334 18.72 -11.22 62.07
C ILE B 334 18.19 -10.66 60.76
N CYS B 335 16.89 -10.86 60.50
CA CYS B 335 16.27 -10.35 59.28
C CYS B 335 15.60 -9.02 59.59
N ASN B 336 15.86 -8.04 58.73
CA ASN B 336 15.36 -6.69 58.92
C ASN B 336 14.48 -6.33 57.73
N VAL B 337 13.24 -5.95 58.02
CA VAL B 337 12.26 -5.59 57.02
C VAL B 337 12.28 -4.08 56.86
N ASN B 338 12.62 -3.61 55.67
CA ASN B 338 12.76 -2.18 55.39
C ASN B 338 11.45 -1.66 54.82
N HIS B 339 10.47 -1.44 55.69
CA HIS B 339 9.21 -0.81 55.31
C HIS B 339 9.26 0.64 55.78
N LYS B 340 9.34 1.57 54.83
CA LYS B 340 9.45 2.99 55.12
C LYS B 340 8.12 3.62 55.51
N PRO B 341 7.05 3.51 54.71
CA PRO B 341 5.84 4.29 55.01
C PRO B 341 5.19 3.93 56.33
N SER B 342 5.48 2.75 56.89
CA SER B 342 4.91 2.36 58.17
C SER B 342 5.47 3.17 59.33
N ASN B 343 6.51 3.97 59.10
CA ASN B 343 7.20 4.72 60.15
C ASN B 343 7.69 3.77 61.24
N THR B 344 8.15 2.59 60.84
CA THR B 344 8.56 1.55 61.77
C THR B 344 9.65 0.71 61.10
N LYS B 345 10.46 0.06 61.94
CA LYS B 345 11.49 -0.87 61.48
C LYS B 345 11.53 -2.03 62.46
N VAL B 346 10.77 -3.08 62.17
CA VAL B 346 10.72 -4.27 63.02
C VAL B 346 11.75 -5.26 62.50
N ASP B 347 12.72 -5.60 63.34
CA ASP B 347 13.83 -6.46 62.96
C ASP B 347 13.87 -7.63 63.93
N LYS B 348 13.98 -8.84 63.40
CA LYS B 348 13.74 -10.03 64.23
C LYS B 348 14.80 -11.09 64.02
N LYS B 349 15.05 -11.86 65.08
CA LYS B 349 15.94 -13.01 65.08
C LYS B 349 15.13 -14.29 64.88
N VAL B 350 15.85 -15.35 64.52
CA VAL B 350 15.25 -16.65 64.20
C VAL B 350 15.91 -17.71 65.05
N GLU B 351 15.11 -18.67 65.52
CA GLU B 351 15.60 -19.80 66.29
C GLU B 351 15.10 -21.10 65.68
N PRO B 352 15.88 -22.17 65.77
CA PRO B 352 15.42 -23.47 65.26
C PRO B 352 14.37 -24.08 66.18
N LYS B 353 13.63 -25.03 65.62
CA LYS B 353 12.57 -25.73 66.34
C LYS B 353 12.69 -27.22 66.14
N SER B 354 12.01 -27.97 67.01
CA SER B 354 11.96 -29.43 66.94
C SER B 354 10.51 -29.88 66.90
N CYS B 355 10.19 -30.75 65.93
CA CYS B 355 8.85 -31.30 65.80
C CYS B 355 8.90 -32.82 65.77
N ASP B 356 9.62 -33.42 66.71
CA ASP B 356 9.76 -34.87 66.80
C ASP B 356 9.07 -35.44 68.03
N LYS B 357 8.21 -34.66 68.68
CA LYS B 357 7.53 -35.10 69.88
C LYS B 357 6.46 -36.15 69.56
N ASP C 119 -16.86 -6.33 19.08
CA ASP C 119 -15.60 -5.66 18.80
C ASP C 119 -14.62 -6.60 18.11
N ILE C 120 -13.44 -6.07 17.78
CA ILE C 120 -12.40 -6.81 17.06
C ILE C 120 -11.40 -7.35 18.07
N GLN C 121 -10.80 -8.50 17.75
CA GLN C 121 -9.83 -9.15 18.60
C GLN C 121 -8.53 -9.40 17.83
N MET C 122 -7.47 -9.68 18.58
CA MET C 122 -6.15 -9.96 18.00
C MET C 122 -5.48 -11.01 18.88
N THR C 123 -5.02 -12.11 18.29
CA THR C 123 -4.40 -13.17 19.06
C THR C 123 -2.95 -13.32 18.68
N GLN C 124 -2.19 -14.01 19.53
CA GLN C 124 -0.80 -14.35 19.25
C GLN C 124 -0.59 -15.86 19.40
N SER C 125 0.49 -16.33 18.79
CA SER C 125 0.83 -17.75 18.84
C SER C 125 2.33 -17.91 18.69
N PRO C 126 2.98 -18.69 19.56
CA PRO C 126 2.31 -19.37 20.67
C PRO C 126 2.44 -18.59 21.98
N SER C 127 1.71 -19.04 23.00
CA SER C 127 1.65 -18.32 24.27
C SER C 127 2.97 -18.35 25.04
N SER C 128 3.90 -19.22 24.64
CA SER C 128 5.19 -19.30 25.32
C SER C 128 6.16 -20.05 24.44
N LEU C 129 7.35 -19.48 24.27
CA LEU C 129 8.43 -20.12 23.54
C LEU C 129 9.67 -20.13 24.41
N SER C 130 10.74 -20.70 23.87
CA SER C 130 11.99 -20.88 24.58
C SER C 130 13.05 -21.34 23.58
N ALA C 131 14.27 -20.85 23.76
CA ALA C 131 15.36 -21.22 22.86
C ALA C 131 16.67 -20.85 23.53
N SER C 132 17.76 -21.40 22.97
CA SER C 132 19.10 -21.12 23.43
C SER C 132 19.72 -20.03 22.56
N VAL C 133 20.99 -19.72 22.83
CA VAL C 133 21.67 -18.63 22.13
C VAL C 133 21.87 -19.01 20.67
N GLY C 134 21.46 -18.11 19.77
CA GLY C 134 21.63 -18.31 18.35
C GLY C 134 20.44 -18.90 17.63
N ASP C 135 19.50 -19.49 18.35
CA ASP C 135 18.35 -20.12 17.71
C ASP C 135 17.45 -19.07 17.06
N ARG C 136 16.80 -19.45 15.96
CA ARG C 136 15.88 -18.59 15.24
C ARG C 136 14.48 -18.82 15.78
N VAL C 137 13.74 -17.73 15.99
CA VAL C 137 12.45 -17.78 16.66
C VAL C 137 11.42 -17.06 15.80
N THR C 138 10.24 -17.67 15.64
CA THR C 138 9.11 -17.06 14.97
C THR C 138 7.94 -16.90 15.94
N ILE C 139 7.25 -15.77 15.85
CA ILE C 139 6.05 -15.51 16.62
C ILE C 139 5.04 -14.92 15.67
N THR C 140 3.76 -15.27 15.85
CA THR C 140 2.73 -14.85 14.92
C THR C 140 1.64 -14.08 15.64
N CYS C 141 1.16 -13.02 15.01
CA CYS C 141 -0.01 -12.28 15.46
C CYS C 141 -1.09 -12.42 14.41
N ARG C 142 -2.24 -12.93 14.82
CA ARG C 142 -3.34 -13.25 13.93
C ARG C 142 -4.51 -12.32 14.17
N ALA C 143 -5.13 -11.88 13.07
CA ALA C 143 -6.17 -10.87 13.09
C ALA C 143 -7.49 -11.44 12.60
N SER C 144 -8.58 -11.02 13.24
CA SER C 144 -9.91 -11.40 12.78
C SER C 144 -10.30 -10.70 11.50
N GLN C 145 -9.65 -9.58 11.18
CA GLN C 145 -9.87 -8.87 9.92
C GLN C 145 -8.54 -8.35 9.40
N GLY C 146 -8.43 -8.27 8.08
CA GLY C 146 -7.26 -7.66 7.46
C GLY C 146 -7.13 -6.20 7.85
N VAL C 147 -5.96 -5.81 8.35
CA VAL C 147 -5.73 -4.45 8.82
C VAL C 147 -4.69 -3.74 7.95
N GLY C 148 -4.51 -4.20 6.71
CA GLY C 148 -3.54 -3.57 5.84
C GLY C 148 -2.13 -3.75 6.38
N THR C 149 -1.39 -2.64 6.48
CA THR C 149 -0.03 -2.64 6.98
C THR C 149 0.10 -1.93 8.32
N ASP C 150 -1.02 -1.60 8.95
CA ASP C 150 -1.03 -0.84 10.20
C ASP C 150 -0.80 -1.79 11.37
N LEU C 151 0.46 -2.09 11.64
CA LEU C 151 0.81 -2.92 12.79
C LEU C 151 2.21 -2.56 13.26
N ALA C 152 2.45 -2.77 14.54
CA ALA C 152 3.74 -2.52 15.16
C ALA C 152 4.01 -3.56 16.22
N TRP C 153 5.26 -3.65 16.64
CA TRP C 153 5.68 -4.59 17.67
C TRP C 153 6.42 -3.86 18.79
N TYR C 154 6.18 -4.30 20.02
CA TYR C 154 6.72 -3.63 21.20
C TYR C 154 7.36 -4.65 22.14
N GLN C 155 8.33 -4.16 22.91
CA GLN C 155 9.12 -4.97 23.82
C GLN C 155 9.22 -4.26 25.17
N GLN C 156 9.03 -5.01 26.27
CA GLN C 156 9.42 -4.54 27.59
C GLN C 156 10.33 -5.56 28.25
N LYS C 157 11.58 -5.18 28.49
CA LYS C 157 12.41 -5.96 29.38
C LYS C 157 11.89 -5.80 30.81
N PRO C 158 12.16 -6.75 31.69
CA PRO C 158 11.55 -6.71 33.03
C PRO C 158 11.87 -5.43 33.78
N GLY C 159 10.84 -4.78 34.30
CA GLY C 159 11.01 -3.58 35.08
C GLY C 159 11.46 -2.34 34.32
N LYS C 160 10.93 -2.14 33.11
CA LYS C 160 11.21 -0.93 32.34
C LYS C 160 9.98 -0.57 31.50
N ALA C 161 9.96 0.67 31.03
CA ALA C 161 8.96 1.06 30.05
C ALA C 161 9.30 0.45 28.70
N PRO C 162 8.32 0.25 27.83
CA PRO C 162 8.56 -0.49 26.58
C PRO C 162 9.36 0.30 25.57
N ASN C 163 9.75 -0.39 24.50
CA ASN C 163 10.40 0.19 23.35
C ASN C 163 9.69 -0.28 22.08
N ARG C 164 9.96 0.39 20.97
CA ARG C 164 9.40 0.02 19.68
C ARG C 164 10.47 -0.55 18.77
N LEU C 165 10.11 -1.61 18.04
CA LEU C 165 11.04 -2.31 17.16
C LEU C 165 10.64 -2.24 15.70
N ILE C 166 9.40 -2.61 15.37
CA ILE C 166 8.96 -2.72 13.99
C ILE C 166 7.65 -1.94 13.84
N PHE C 167 7.60 -1.07 12.83
CA PHE C 167 6.44 -0.24 12.56
C PHE C 167 6.07 -0.31 11.09
N ALA C 168 4.79 -0.03 10.81
CA ALA C 168 4.19 -0.13 9.48
C ALA C 168 4.24 -1.55 8.92
N ALA C 169 4.42 -2.54 9.80
CA ALA C 169 4.42 -3.97 9.53
C ALA C 169 5.60 -4.43 8.69
N SER C 170 6.43 -3.53 8.18
CA SER C 170 7.62 -3.92 7.45
C SER C 170 8.87 -3.10 7.75
N ASN C 171 8.77 -2.02 8.53
CA ASN C 171 9.86 -1.07 8.68
C ASN C 171 10.43 -1.12 10.09
N LEU C 172 11.74 -0.94 10.18
CA LEU C 172 12.47 -1.09 11.44
C LEU C 172 12.77 0.28 12.03
N GLN C 173 12.52 0.44 13.32
CA GLN C 173 12.82 1.68 14.01
C GLN C 173 14.33 1.90 14.05
N SER C 174 14.74 3.14 13.83
CA SER C 174 16.16 3.48 13.94
C SER C 174 16.64 3.29 15.37
N GLY C 175 17.91 2.95 15.52
CA GLY C 175 18.48 2.67 16.82
C GLY C 175 18.30 1.24 17.28
N VAL C 176 17.65 0.40 16.49
CA VAL C 176 17.44 -1.00 16.82
C VAL C 176 18.42 -1.85 16.00
N PRO C 177 19.08 -2.84 16.59
CA PRO C 177 19.88 -3.77 15.79
C PRO C 177 19.03 -4.44 14.73
N SER C 178 19.61 -4.59 13.54
CA SER C 178 18.84 -5.00 12.36
C SER C 178 18.39 -6.45 12.41
N ARG C 179 18.87 -7.25 13.38
CA ARG C 179 18.55 -8.67 13.41
C ARG C 179 17.06 -8.94 13.57
N PHE C 180 16.29 -7.98 14.07
CA PHE C 180 14.84 -8.14 14.19
C PHE C 180 14.18 -7.80 12.87
N SER C 181 13.13 -8.55 12.54
CA SER C 181 12.41 -8.32 11.30
C SER C 181 10.99 -8.84 11.42
N GLY C 182 10.11 -8.29 10.60
CA GLY C 182 8.72 -8.69 10.60
C GLY C 182 8.15 -8.60 9.20
N SER C 183 7.06 -9.33 8.97
CA SER C 183 6.44 -9.33 7.66
C SER C 183 4.99 -9.74 7.79
N GLY C 184 4.27 -9.59 6.69
CA GLY C 184 2.89 -10.03 6.62
C GLY C 184 1.97 -9.06 5.92
N SER C 185 0.67 -9.39 5.92
CA SER C 185 -0.38 -8.52 5.40
C SER C 185 -1.71 -9.09 5.84
N GLY C 186 -2.74 -8.24 5.81
CA GLY C 186 -4.08 -8.70 6.08
C GLY C 186 -4.27 -9.28 7.46
N THR C 187 -4.41 -10.60 7.53
CA THR C 187 -4.57 -11.30 8.80
C THR C 187 -3.40 -12.20 9.14
N GLU C 188 -2.35 -12.21 8.32
CA GLU C 188 -1.18 -13.05 8.56
C GLU C 188 0.01 -12.13 8.84
N PHE C 189 0.47 -12.13 10.08
CA PHE C 189 1.59 -11.30 10.51
C PHE C 189 2.56 -12.13 11.34
N THR C 190 3.86 -12.01 11.03
CA THR C 190 4.86 -12.83 11.67
C THR C 190 6.12 -12.02 11.93
N LEU C 191 6.61 -12.07 13.17
CA LEU C 191 7.89 -11.50 13.52
C LEU C 191 8.91 -12.62 13.71
N THR C 192 10.08 -12.46 13.11
CA THR C 192 11.11 -13.48 13.15
C THR C 192 12.41 -12.88 13.63
N ILE C 193 13.00 -13.49 14.66
CA ILE C 193 14.31 -13.11 15.15
C ILE C 193 15.28 -14.18 14.70
N SER C 194 16.16 -13.82 13.76
CA SER C 194 17.09 -14.79 13.19
C SER C 194 18.10 -15.27 14.22
N SER C 195 18.75 -14.34 14.93
CA SER C 195 19.72 -14.65 15.96
C SER C 195 19.17 -14.20 17.30
N LEU C 196 19.06 -15.11 18.24
CA LEU C 196 18.48 -14.83 19.54
C LEU C 196 19.57 -14.71 20.60
N GLN C 197 19.42 -13.75 21.49
CA GLN C 197 20.32 -13.51 22.59
C GLN C 197 19.51 -13.37 23.87
N PRO C 198 20.12 -13.63 25.03
CA PRO C 198 19.39 -13.49 26.30
C PRO C 198 18.84 -12.08 26.52
N GLU C 199 19.56 -11.05 26.05
CA GLU C 199 19.05 -9.68 26.18
C GLU C 199 17.77 -9.46 25.39
N ASP C 200 17.51 -10.29 24.39
CA ASP C 200 16.25 -10.19 23.67
C ASP C 200 15.07 -10.73 24.46
N PHE C 201 15.32 -11.38 25.59
CA PHE C 201 14.26 -12.10 26.29
C PHE C 201 13.35 -11.10 26.98
N ALA C 202 12.18 -10.88 26.38
CA ALA C 202 11.17 -10.01 26.93
C ALA C 202 9.83 -10.47 26.39
N THR C 203 8.76 -9.86 26.87
CA THR C 203 7.43 -10.16 26.37
C THR C 203 7.15 -9.22 25.20
N TYR C 204 6.86 -9.79 24.03
CA TYR C 204 6.67 -9.04 22.80
C TYR C 204 5.19 -8.93 22.49
N TYR C 205 4.73 -7.71 22.24
CA TYR C 205 3.32 -7.43 22.01
C TYR C 205 3.11 -6.90 20.60
N CYS C 206 1.99 -7.24 19.99
CA CYS C 206 1.63 -6.73 18.67
C CYS C 206 0.50 -5.71 18.81
N LEU C 207 0.66 -4.58 18.12
CA LEU C 207 -0.27 -3.47 18.15
C LEU C 207 -0.81 -3.21 16.75
N HIS C 208 -2.07 -2.79 16.67
CA HIS C 208 -2.65 -2.40 15.41
C HIS C 208 -3.16 -0.97 15.52
N HIS C 209 -3.06 -0.23 14.42
CA HIS C 209 -3.56 1.15 14.39
C HIS C 209 -4.30 1.40 13.10
N ASN C 210 -5.08 0.43 12.64
CA ASN C 210 -5.86 0.61 11.43
C ASN C 210 -7.05 1.53 11.69
N SER C 211 -7.66 1.45 12.86
CA SER C 211 -8.82 2.27 13.18
C SER C 211 -9.04 2.28 14.67
N PHE C 212 -9.78 3.28 15.13
CA PHE C 212 -10.19 3.33 16.52
C PHE C 212 -11.31 2.31 16.77
N PRO C 213 -11.32 1.65 17.93
CA PRO C 213 -10.28 1.71 18.95
C PRO C 213 -9.09 0.82 18.64
N LEU C 214 -7.88 1.27 18.99
CA LEU C 214 -6.71 0.43 18.82
C LEU C 214 -6.72 -0.68 19.86
N ALA C 215 -5.82 -1.64 19.68
CA ALA C 215 -5.77 -2.78 20.58
C ALA C 215 -4.39 -3.39 20.54
N PHE C 216 -3.94 -3.84 21.71
CA PHE C 216 -2.67 -4.52 21.85
C PHE C 216 -2.86 -6.00 21.54
N GLY C 217 -1.85 -6.82 21.85
CA GLY C 217 -1.95 -8.26 21.77
C GLY C 217 -1.73 -8.89 23.13
N GLY C 218 -2.04 -10.18 23.22
CA GLY C 218 -1.82 -10.91 24.46
C GLY C 218 -0.36 -11.06 24.82
N GLY C 219 0.54 -10.96 23.85
CA GLY C 219 1.96 -10.99 24.13
C GLY C 219 2.50 -12.41 24.17
N THR C 220 3.78 -12.53 23.84
CA THR C 220 4.47 -13.81 23.82
C THR C 220 5.73 -13.71 24.65
N LYS C 221 5.92 -14.66 25.58
CA LYS C 221 7.04 -14.64 26.49
C LYS C 221 8.14 -15.55 25.98
N VAL C 222 9.39 -15.09 26.09
CA VAL C 222 10.55 -15.84 25.64
C VAL C 222 11.47 -16.04 26.83
N GLU C 223 11.84 -17.29 27.09
CA GLU C 223 12.63 -17.66 28.26
C GLU C 223 13.76 -18.60 27.86
N ILE C 224 14.66 -18.84 28.82
CA ILE C 224 15.84 -19.65 28.58
C ILE C 224 15.46 -21.13 28.59
N LYS C 225 16.04 -21.90 27.67
CA LYS C 225 15.96 -23.35 27.69
C LYS C 225 17.19 -23.89 28.43
N ARG C 226 16.98 -24.95 29.21
CA ARG C 226 18.05 -25.49 30.04
C ARG C 226 17.73 -26.93 30.40
N THR C 227 18.56 -27.52 31.26
CA THR C 227 18.41 -28.91 31.67
C THR C 227 17.32 -29.02 32.74
N VAL C 228 17.24 -30.18 33.39
CA VAL C 228 16.17 -30.50 34.32
C VAL C 228 16.76 -30.72 35.70
N ALA C 229 16.17 -30.07 36.71
CA ALA C 229 16.56 -30.25 38.09
C ALA C 229 15.34 -30.66 38.90
N ALA C 230 15.60 -31.35 40.02
CA ALA C 230 14.53 -31.92 40.83
C ALA C 230 14.25 -31.03 42.03
N PRO C 231 13.04 -30.52 42.19
CA PRO C 231 12.73 -29.72 43.37
C PRO C 231 12.84 -30.53 44.66
N SER C 232 13.23 -29.85 45.73
CA SER C 232 13.27 -30.42 47.07
C SER C 232 12.13 -29.85 47.87
N VAL C 233 11.24 -30.72 48.34
CA VAL C 233 10.01 -30.30 48.99
C VAL C 233 10.28 -30.11 50.48
N PHE C 234 10.09 -28.88 50.96
CA PHE C 234 10.24 -28.56 52.37
C PHE C 234 8.90 -28.04 52.88
N ILE C 235 8.60 -28.28 54.14
CA ILE C 235 7.31 -27.91 54.72
C ILE C 235 7.56 -27.34 56.11
N PHE C 236 6.86 -26.26 56.43
CA PHE C 236 7.09 -25.54 57.68
C PHE C 236 5.80 -25.47 58.50
N PRO C 237 5.72 -26.12 59.65
CA PRO C 237 4.56 -25.93 60.51
C PRO C 237 4.53 -24.52 61.08
N PRO C 238 3.35 -23.99 61.36
CA PRO C 238 3.26 -22.62 61.91
C PRO C 238 3.84 -22.54 63.31
N SER C 239 4.27 -21.32 63.65
CA SER C 239 4.95 -21.04 64.91
C SER C 239 3.94 -20.77 66.02
N ASP C 240 4.42 -20.28 67.16
CA ASP C 240 3.61 -20.14 68.37
C ASP C 240 3.13 -18.71 68.62
N GLU C 241 3.95 -17.71 68.32
CA GLU C 241 3.48 -16.33 68.43
C GLU C 241 2.25 -16.10 67.57
N GLN C 242 2.28 -16.64 66.34
CA GLN C 242 1.10 -16.59 65.50
C GLN C 242 -0.06 -17.34 66.14
N LEU C 243 0.23 -18.45 66.82
CA LEU C 243 -0.83 -19.20 67.48
C LEU C 243 -1.48 -18.38 68.58
N LYS C 244 -0.68 -17.63 69.34
CA LYS C 244 -1.24 -16.71 70.32
C LYS C 244 -2.07 -15.63 69.64
N SER C 245 -1.56 -15.09 68.53
CA SER C 245 -2.35 -14.12 67.76
C SER C 245 -3.62 -14.73 67.23
N GLY C 246 -3.53 -15.94 66.65
CA GLY C 246 -4.73 -16.63 66.21
C GLY C 246 -4.88 -16.88 64.72
N THR C 247 -3.78 -17.09 64.02
CA THR C 247 -3.80 -17.37 62.59
C THR C 247 -3.10 -18.68 62.31
N ALA C 248 -3.63 -19.45 61.35
CA ALA C 248 -3.05 -20.74 60.97
C ALA C 248 -2.42 -20.60 59.58
N SER C 249 -1.09 -20.56 59.53
CA SER C 249 -0.35 -20.45 58.26
C SER C 249 0.46 -21.72 58.06
N VAL C 250 0.05 -22.55 57.12
CA VAL C 250 0.77 -23.77 56.77
C VAL C 250 1.42 -23.55 55.42
N VAL C 251 2.75 -23.67 55.36
CA VAL C 251 3.49 -23.30 54.16
C VAL C 251 4.34 -24.47 53.71
N CYS C 252 4.37 -24.70 52.40
CA CYS C 252 5.24 -25.70 51.79
C CYS C 252 6.10 -25.01 50.73
N LEU C 253 7.40 -24.98 50.96
CA LEU C 253 8.35 -24.33 50.09
C LEU C 253 8.97 -25.33 49.12
N LEU C 254 9.10 -24.92 47.87
CA LEU C 254 9.73 -25.69 46.80
C LEU C 254 10.83 -24.85 46.18
N ASN C 255 11.97 -25.49 45.90
CA ASN C 255 13.13 -24.74 45.46
C ASN C 255 13.75 -25.41 44.25
N ASN C 256 14.19 -24.59 43.28
CA ASN C 256 15.04 -25.02 42.17
C ASN C 256 14.38 -26.12 41.33
N PHE C 257 13.29 -25.75 40.66
CA PHE C 257 12.59 -26.65 39.77
C PHE C 257 12.45 -26.04 38.38
N TYR C 258 12.33 -26.91 37.37
CA TYR C 258 12.19 -26.53 35.97
C TYR C 258 11.82 -27.77 35.16
N PRO C 259 10.98 -27.65 34.13
CA PRO C 259 10.32 -26.45 33.63
C PRO C 259 9.21 -25.96 34.56
N ARG C 260 8.69 -24.77 34.26
CA ARG C 260 7.85 -24.04 35.21
C ARG C 260 6.61 -24.83 35.62
N GLU C 261 6.18 -25.78 34.80
CA GLU C 261 5.06 -26.64 35.18
C GLU C 261 5.41 -27.37 36.47
N ALA C 262 4.46 -27.40 37.41
CA ALA C 262 4.67 -28.02 38.70
C ALA C 262 3.32 -28.34 39.32
N LYS C 263 3.23 -29.49 39.98
CA LYS C 263 2.00 -29.95 40.58
C LYS C 263 2.18 -29.97 42.10
N VAL C 264 1.50 -29.08 42.80
CA VAL C 264 1.54 -29.02 44.25
C VAL C 264 0.14 -29.28 44.76
N GLN C 265 0.00 -30.26 45.64
CA GLN C 265 -1.30 -30.63 46.18
C GLN C 265 -1.20 -30.82 47.68
N TRP C 266 -2.31 -30.59 48.37
CA TRP C 266 -2.39 -30.68 49.82
C TRP C 266 -3.40 -31.72 50.24
N LYS C 267 -3.02 -32.56 51.20
CA LYS C 267 -3.89 -33.56 51.81
C LYS C 267 -3.80 -33.34 53.32
N VAL C 268 -4.85 -32.78 53.90
CA VAL C 268 -4.93 -32.63 55.34
C VAL C 268 -5.88 -33.69 55.88
N ASP C 269 -5.34 -34.60 56.69
CA ASP C 269 -6.05 -35.82 57.09
C ASP C 269 -6.48 -36.64 55.88
N ASN C 270 -5.61 -36.66 54.86
CA ASN C 270 -5.91 -37.30 53.58
C ASN C 270 -7.19 -36.75 52.97
N ALA C 271 -7.36 -35.44 53.04
CA ALA C 271 -8.51 -34.74 52.46
C ALA C 271 -8.03 -33.54 51.67
N LEU C 272 -8.79 -33.20 50.62
CA LEU C 272 -8.42 -32.13 49.71
C LEU C 272 -9.28 -30.90 49.99
N GLN C 273 -8.62 -29.75 50.16
CA GLN C 273 -9.32 -28.49 50.37
C GLN C 273 -9.55 -27.83 49.01
N SER C 274 -9.98 -26.57 49.02
CA SER C 274 -10.28 -25.87 47.78
C SER C 274 -10.26 -24.37 48.03
N GLY C 275 -9.68 -23.62 47.09
CA GLY C 275 -9.75 -22.18 47.11
C GLY C 275 -9.14 -21.51 48.32
N ASN C 276 -8.26 -22.21 49.04
CA ASN C 276 -7.63 -21.68 50.23
C ASN C 276 -6.13 -21.90 50.20
N SER C 277 -5.51 -21.72 49.04
CA SER C 277 -4.06 -21.77 48.92
C SER C 277 -3.62 -20.78 47.85
N GLN C 278 -2.45 -20.19 48.06
CA GLN C 278 -1.87 -19.24 47.12
C GLN C 278 -0.40 -19.59 46.90
N GLU C 279 0.05 -19.42 45.67
CA GLU C 279 1.43 -19.72 45.28
C GLU C 279 1.96 -18.60 44.40
N SER C 280 3.26 -18.34 44.52
CA SER C 280 3.93 -17.36 43.68
C SER C 280 5.28 -17.93 43.26
N VAL C 281 5.76 -17.48 42.10
CA VAL C 281 6.94 -18.04 41.46
C VAL C 281 8.05 -17.00 41.42
N THR C 282 9.25 -17.40 41.84
CA THR C 282 10.41 -16.57 41.69
C THR C 282 10.74 -16.41 40.22
N GLU C 283 11.04 -15.19 39.80
CA GLU C 283 11.28 -14.93 38.39
C GLU C 283 12.54 -15.64 37.92
N GLN C 284 12.79 -15.54 36.62
CA GLN C 284 13.91 -16.23 36.00
C GLN C 284 15.21 -15.86 36.69
N ASP C 285 15.86 -16.86 37.29
CA ASP C 285 17.16 -16.63 37.92
C ASP C 285 18.18 -16.18 36.89
N SER C 286 19.07 -15.29 37.32
CA SER C 286 20.09 -14.72 36.45
C SER C 286 21.35 -15.57 36.36
N LYS C 287 21.43 -16.66 37.11
CA LYS C 287 22.64 -17.49 37.13
C LYS C 287 22.42 -18.90 36.63
N ASP C 288 21.28 -19.51 36.95
CA ASP C 288 21.00 -20.88 36.53
C ASP C 288 19.58 -21.07 36.00
N SER C 289 18.79 -20.00 35.90
CA SER C 289 17.44 -20.05 35.32
C SER C 289 16.56 -21.07 36.05
N THR C 290 16.65 -21.07 37.37
CA THR C 290 15.86 -21.97 38.21
C THR C 290 14.82 -21.16 38.97
N TYR C 291 13.57 -21.62 38.92
CA TYR C 291 12.48 -20.95 39.59
C TYR C 291 12.46 -21.37 41.06
N SER C 292 11.37 -21.03 41.75
CA SER C 292 11.10 -21.49 43.11
C SER C 292 9.71 -21.01 43.49
N LEU C 293 9.11 -21.68 44.47
CA LEU C 293 7.68 -21.53 44.71
C LEU C 293 7.39 -21.79 46.17
N SER C 294 6.24 -21.31 46.62
CA SER C 294 5.80 -21.57 47.98
C SER C 294 4.28 -21.57 48.03
N SER C 295 3.71 -22.64 48.57
CA SER C 295 2.28 -22.79 48.70
C SER C 295 1.88 -22.45 50.13
N THR C 296 0.98 -21.47 50.27
CA THR C 296 0.49 -21.05 51.58
C THR C 296 -0.92 -21.56 51.79
N LEU C 297 -1.27 -21.78 53.06
CA LEU C 297 -2.59 -22.20 53.47
C LEU C 297 -2.97 -21.40 54.71
N THR C 298 -4.06 -20.65 54.60
CA THR C 298 -4.57 -19.83 55.70
C THR C 298 -5.81 -20.49 56.28
N LEU C 299 -5.81 -20.72 57.58
CA LEU C 299 -6.90 -21.36 58.28
C LEU C 299 -7.16 -20.66 59.60
N SER C 300 -8.41 -20.73 60.05
CA SER C 300 -8.76 -20.24 61.37
C SER C 300 -8.15 -21.14 62.44
N LYS C 301 -8.07 -20.61 63.65
CA LYS C 301 -7.47 -21.37 64.74
C LYS C 301 -8.27 -22.64 65.04
N ALA C 302 -9.60 -22.56 64.93
CA ALA C 302 -10.44 -23.68 65.33
C ALA C 302 -10.15 -24.91 64.48
N ASP C 303 -10.02 -24.73 63.16
CA ASP C 303 -9.72 -25.86 62.29
C ASP C 303 -8.33 -26.42 62.54
N TYR C 304 -7.46 -25.63 63.17
CA TYR C 304 -6.08 -26.07 63.36
C TYR C 304 -5.99 -27.22 64.36
N GLU C 305 -6.87 -27.25 65.37
CA GLU C 305 -6.91 -28.38 66.29
C GLU C 305 -7.91 -29.45 65.87
N LYS C 306 -8.44 -29.38 64.66
CA LYS C 306 -9.34 -30.41 64.15
C LYS C 306 -8.70 -31.22 63.04
N HIS C 307 -7.38 -31.37 63.08
CA HIS C 307 -6.66 -32.12 62.05
C HIS C 307 -5.40 -32.70 62.67
N LYS C 308 -4.96 -33.83 62.11
CA LYS C 308 -3.83 -34.58 62.66
C LYS C 308 -2.62 -34.66 61.73
N VAL C 309 -2.82 -34.71 60.42
CA VAL C 309 -1.73 -34.84 59.47
C VAL C 309 -1.91 -33.84 58.34
N TYR C 310 -0.86 -33.06 58.05
CA TYR C 310 -0.86 -32.11 56.95
C TYR C 310 0.24 -32.51 56.01
N ALA C 311 -0.10 -32.88 54.77
CA ALA C 311 0.87 -33.33 53.80
C ALA C 311 0.80 -32.48 52.54
N CYS C 312 1.96 -32.07 52.04
CA CYS C 312 2.07 -31.48 50.71
C CYS C 312 2.83 -32.47 49.83
N GLU C 313 2.26 -32.75 48.65
CA GLU C 313 2.88 -33.61 47.66
C GLU C 313 3.16 -32.81 46.40
N VAL C 314 4.24 -33.16 45.73
CA VAL C 314 4.66 -32.50 44.51
C VAL C 314 4.83 -33.57 43.43
N THR C 315 4.16 -33.37 42.31
CA THR C 315 4.37 -34.15 41.10
C THR C 315 4.91 -33.22 40.04
N HIS C 316 6.08 -33.56 39.49
CA HIS C 316 6.73 -32.72 38.49
C HIS C 316 7.15 -33.57 37.30
N GLN C 317 7.15 -32.93 36.13
CA GLN C 317 7.58 -33.62 34.91
C GLN C 317 9.01 -34.13 35.06
N GLY C 318 9.85 -33.39 35.79
CA GLY C 318 11.16 -33.87 36.14
C GLY C 318 11.20 -34.77 37.35
N LEU C 319 10.08 -34.98 38.02
CA LEU C 319 10.01 -35.89 39.14
C LEU C 319 9.60 -37.28 38.64
N SER C 320 10.42 -38.28 38.97
CA SER C 320 10.13 -39.65 38.55
C SER C 320 8.83 -40.14 39.17
N SER C 321 8.60 -39.83 40.44
CA SER C 321 7.41 -40.23 41.15
C SER C 321 6.91 -39.05 41.98
N PRO C 322 5.65 -39.05 42.36
CA PRO C 322 5.17 -38.03 43.30
C PRO C 322 5.91 -38.11 44.63
N VAL C 323 6.39 -36.97 45.11
CA VAL C 323 7.17 -36.90 46.35
C VAL C 323 6.40 -36.05 47.34
N THR C 324 6.11 -36.60 48.50
CA THR C 324 5.31 -35.92 49.50
C THR C 324 6.06 -35.80 50.81
N LYS C 325 5.58 -34.90 51.65
CA LYS C 325 6.05 -34.80 53.02
C LYS C 325 4.91 -34.22 53.86
N SER C 326 5.03 -34.36 55.18
CA SER C 326 3.94 -33.98 56.05
C SER C 326 4.46 -33.63 57.44
N PHE C 327 3.62 -32.94 58.20
CA PHE C 327 3.85 -32.73 59.61
C PHE C 327 2.57 -33.04 60.39
N ASN C 328 2.76 -33.47 61.64
CA ASN C 328 1.68 -33.86 62.52
C ASN C 328 1.64 -32.93 63.73
N ARG C 329 0.46 -32.42 64.04
CA ARG C 329 0.36 -31.42 65.09
C ARG C 329 0.81 -31.95 66.44
N GLY C 330 0.77 -33.27 66.63
CA GLY C 330 1.18 -33.83 67.90
C GLY C 330 2.66 -33.62 68.18
N GLU C 331 3.49 -33.80 67.17
CA GLU C 331 4.94 -33.70 67.37
C GLU C 331 5.42 -32.26 67.52
N CYS C 332 4.61 -31.29 67.12
CA CYS C 332 4.99 -29.89 67.26
C CYS C 332 4.37 -29.28 68.50
N ASP D 1 -28.83 -1.89 -32.10
CA ASP D 1 -28.26 -1.44 -33.36
C ASP D 1 -27.16 -0.41 -33.13
N GLY D 2 -27.49 0.68 -32.46
CA GLY D 2 -26.56 1.74 -32.18
C GLY D 2 -25.66 1.51 -30.98
N ILE D 3 -25.78 0.37 -30.31
CA ILE D 3 -24.97 0.09 -29.14
C ILE D 3 -23.57 -0.33 -29.56
N GLN D 4 -22.56 0.27 -28.93
CA GLN D 4 -21.18 -0.11 -29.20
C GLN D 4 -20.93 -1.54 -28.75
N ASP D 5 -20.20 -2.29 -29.57
CA ASP D 5 -19.94 -3.71 -29.34
C ASP D 5 -18.46 -3.90 -29.02
N SER D 6 -18.17 -4.29 -27.79
CA SER D 6 -16.80 -4.64 -27.39
C SER D 6 -16.51 -6.11 -27.68
N GLY D 7 -16.76 -6.51 -28.93
CA GLY D 7 -16.57 -7.88 -29.34
C GLY D 7 -16.56 -8.03 -30.84
N PRO D 8 -16.12 -9.19 -31.33
CA PRO D 8 -16.06 -9.40 -32.77
C PRO D 8 -17.45 -9.50 -33.37
N ILE D 9 -17.52 -9.23 -34.69
CA ILE D 9 -18.81 -9.22 -35.38
C ILE D 9 -19.41 -10.62 -35.39
N ILE D 10 -18.75 -11.55 -36.08
CA ILE D 10 -19.32 -12.86 -36.35
C ILE D 10 -18.41 -14.01 -35.99
N CYS D 11 -17.09 -13.82 -35.93
CA CYS D 11 -16.16 -14.92 -35.70
C CYS D 11 -15.13 -14.49 -34.67
N ALA D 12 -14.58 -15.46 -33.95
CA ALA D 12 -13.58 -15.21 -32.93
C ALA D 12 -12.19 -15.13 -33.54
N GLY D 13 -11.26 -14.55 -32.79
CA GLY D 13 -9.88 -14.47 -33.19
C GLY D 13 -9.30 -15.85 -33.42
N PRO D 14 -8.58 -16.02 -34.52
CA PRO D 14 -8.13 -17.35 -34.93
C PRO D 14 -6.74 -17.68 -34.37
N ILE D 15 -6.36 -18.94 -34.57
CA ILE D 15 -5.00 -19.41 -34.31
C ILE D 15 -4.56 -20.17 -35.55
N HIS D 16 -3.43 -19.78 -36.12
CA HIS D 16 -3.02 -20.29 -37.42
C HIS D 16 -1.94 -21.34 -37.28
N SER D 17 -1.69 -22.06 -38.37
CA SER D 17 -0.82 -23.23 -38.36
C SER D 17 0.60 -22.92 -38.84
N ASN D 18 0.74 -22.46 -40.07
CA ASN D 18 2.07 -22.14 -40.57
C ASN D 18 2.02 -20.95 -41.53
N LYS D 19 3.10 -20.16 -41.51
CA LYS D 19 3.14 -18.89 -42.20
C LYS D 19 3.17 -19.01 -43.72
N SER D 20 3.45 -20.20 -44.25
CA SER D 20 3.49 -20.40 -45.69
C SER D 20 2.16 -20.86 -46.25
N ALA D 21 1.12 -20.91 -45.42
CA ALA D 21 -0.18 -21.40 -45.87
C ALA D 21 -0.77 -20.48 -46.93
N ASP D 22 -1.60 -21.05 -47.79
CA ASP D 22 -2.25 -20.32 -48.86
C ASP D 22 -3.60 -19.79 -48.40
N ILE D 23 -3.93 -18.58 -48.87
CA ILE D 23 -5.19 -17.94 -48.52
C ILE D 23 -6.17 -18.14 -49.68
N PRO D 24 -7.18 -18.98 -49.52
CA PRO D 24 -8.12 -19.21 -50.62
C PRO D 24 -9.08 -18.05 -50.80
N HIS D 25 -9.60 -17.95 -52.02
CA HIS D 25 -10.67 -17.00 -52.33
C HIS D 25 -11.99 -17.50 -51.76
N LEU D 26 -12.91 -16.57 -51.53
CA LEU D 26 -14.24 -16.89 -51.04
C LEU D 26 -15.28 -16.14 -51.87
N LEU D 27 -16.54 -16.41 -51.59
CA LEU D 27 -17.65 -15.80 -52.33
C LEU D 27 -18.70 -15.16 -51.44
N GLY D 28 -18.97 -15.72 -50.28
CA GLY D 28 -20.11 -15.27 -49.48
C GLY D 28 -19.83 -13.97 -48.75
N TYR D 29 -20.90 -13.17 -48.60
CA TYR D 29 -20.79 -11.91 -47.87
C TYR D 29 -20.37 -12.16 -46.43
N SER D 30 -21.09 -13.03 -45.73
CA SER D 30 -20.71 -13.39 -44.37
C SER D 30 -19.36 -14.10 -44.34
N GLU D 31 -19.07 -14.91 -45.36
CA GLU D 31 -17.78 -15.59 -45.44
C GLU D 31 -16.64 -14.58 -45.49
N LYS D 32 -16.80 -13.52 -46.27
CA LYS D 32 -15.75 -12.50 -46.37
C LYS D 32 -15.70 -11.62 -45.13
N ILE D 33 -16.85 -11.33 -44.52
CA ILE D 33 -16.84 -10.52 -43.30
C ILE D 33 -16.12 -11.27 -42.19
N CYS D 34 -16.31 -12.59 -42.11
CA CYS D 34 -15.59 -13.38 -41.12
C CYS D 34 -14.09 -13.28 -41.33
N GLN D 35 -13.64 -13.24 -42.58
CA GLN D 35 -12.25 -12.97 -42.90
C GLN D 35 -11.82 -11.59 -42.46
N ILE D 36 -12.67 -10.59 -42.64
CA ILE D 36 -12.36 -9.23 -42.18
C ILE D 36 -12.20 -9.19 -40.65
N ASP D 37 -12.90 -10.07 -39.93
CA ASP D 37 -12.71 -10.15 -38.48
C ASP D 37 -11.42 -10.85 -38.08
N ARG D 38 -10.73 -11.49 -39.02
CA ARG D 38 -9.48 -12.18 -38.74
C ARG D 38 -8.26 -11.44 -39.28
N LEU D 39 -8.44 -10.25 -39.85
CA LEU D 39 -7.35 -9.49 -40.45
C LEU D 39 -6.64 -10.27 -41.55
N ILE D 40 -7.41 -11.01 -42.36
CA ILE D 40 -6.84 -11.74 -43.48
C ILE D 40 -6.55 -10.80 -44.65
N HIS D 41 -7.33 -9.73 -44.79
CA HIS D 41 -7.17 -8.83 -45.93
C HIS D 41 -5.83 -8.09 -45.87
N VAL D 42 -5.43 -7.65 -44.68
CA VAL D 42 -4.12 -7.04 -44.53
C VAL D 42 -3.04 -8.08 -44.82
N SER D 43 -3.30 -9.34 -44.46
CA SER D 43 -2.35 -10.40 -44.75
C SER D 43 -2.19 -10.60 -46.25
N SER D 44 -3.26 -10.40 -47.02
CA SER D 44 -3.15 -10.50 -48.47
C SER D 44 -2.45 -9.28 -49.05
N TRP D 45 -2.75 -8.08 -48.55
CA TRP D 45 -2.11 -6.88 -49.08
C TRP D 45 -0.61 -6.89 -48.81
N LEU D 46 -0.20 -7.24 -47.59
CA LEU D 46 1.22 -7.29 -47.27
C LEU D 46 1.95 -8.30 -48.14
N ARG D 47 1.26 -9.31 -48.63
CA ARG D 47 1.86 -10.21 -49.62
C ARG D 47 1.93 -9.56 -51.00
N ASN D 48 0.85 -8.88 -51.41
CA ASN D 48 0.75 -8.43 -52.79
C ASN D 48 1.84 -7.41 -53.13
N HIS D 49 2.11 -6.48 -52.21
CA HIS D 49 3.04 -5.40 -52.49
C HIS D 49 4.27 -5.41 -51.60
N SER D 50 4.11 -5.64 -50.29
CA SER D 50 5.23 -5.61 -49.37
C SER D 50 6.07 -6.87 -49.38
N GLN D 51 5.63 -7.89 -50.13
CA GLN D 51 6.34 -9.17 -50.24
C GLN D 51 6.43 -9.92 -48.92
N PHE D 52 5.66 -9.48 -47.92
CA PHE D 52 5.68 -10.10 -46.61
C PHE D 52 4.95 -11.43 -46.62
N GLN D 53 5.47 -12.40 -45.87
CA GLN D 53 4.85 -13.71 -45.73
C GLN D 53 4.38 -13.89 -44.30
N GLY D 54 3.28 -14.62 -44.14
CA GLY D 54 2.73 -14.89 -42.83
C GLY D 54 1.48 -14.06 -42.57
N TYR D 55 0.63 -14.60 -41.71
CA TYR D 55 -0.59 -13.91 -41.30
C TYR D 55 -0.24 -12.71 -40.42
N VAL D 56 -1.25 -11.90 -40.13
CA VAL D 56 -1.11 -10.77 -39.22
C VAL D 56 -2.33 -10.75 -38.30
N GLY D 57 -2.09 -10.46 -37.02
CA GLY D 57 -3.19 -10.25 -36.09
C GLY D 57 -3.49 -11.43 -35.19
N GLN D 58 -2.45 -12.17 -34.82
CA GLN D 58 -2.63 -13.41 -34.07
C GLN D 58 -3.33 -13.15 -32.73
N ARG D 59 -4.34 -13.96 -32.44
CA ARG D 59 -5.03 -14.03 -31.15
C ARG D 59 -5.90 -12.82 -30.86
N GLY D 60 -5.82 -11.77 -31.66
CA GLY D 60 -6.65 -10.61 -31.41
C GLY D 60 -7.58 -10.20 -32.53
N GLY D 61 -7.16 -10.43 -33.78
CA GLY D 61 -7.98 -10.02 -34.90
C GLY D 61 -8.09 -8.51 -35.03
N ARG D 62 -9.25 -8.06 -35.54
CA ARG D 62 -9.50 -6.64 -35.76
C ARG D 62 -9.76 -5.90 -34.45
N SER D 63 -10.05 -6.61 -33.36
CA SER D 63 -10.35 -5.95 -32.11
C SER D 63 -9.12 -5.35 -31.43
N GLN D 64 -7.92 -5.56 -31.97
CA GLN D 64 -6.69 -5.12 -31.34
C GLN D 64 -5.75 -4.46 -32.34
N VAL D 65 -6.29 -3.60 -33.18
CA VAL D 65 -5.50 -2.81 -34.12
C VAL D 65 -5.26 -1.44 -33.52
N SER D 66 -4.10 -0.85 -33.79
CA SER D 66 -3.78 0.44 -33.21
C SER D 66 -4.28 1.59 -34.09
N TYR D 67 -4.61 2.69 -33.43
CA TYR D 67 -5.10 3.88 -34.08
C TYR D 67 -4.34 5.10 -33.56
N TYR D 68 -4.18 6.11 -34.40
CA TYR D 68 -3.68 7.41 -33.97
C TYR D 68 -4.60 8.49 -34.50
N PRO D 69 -5.12 9.38 -33.65
CA PRO D 69 -4.93 9.43 -32.19
C PRO D 69 -5.62 8.29 -31.46
N ALA D 70 -5.12 7.97 -30.26
CA ALA D 70 -5.64 6.84 -29.51
C ALA D 70 -7.10 7.05 -29.12
N GLU D 71 -7.48 8.28 -28.81
CA GLU D 71 -8.86 8.57 -28.46
C GLU D 71 -9.72 8.53 -29.72
N ASN D 72 -10.30 7.36 -30.00
CA ASN D 72 -11.03 7.11 -31.23
C ASN D 72 -12.47 6.76 -30.90
N SER D 73 -13.40 7.33 -31.65
CA SER D 73 -14.83 7.18 -31.40
C SER D 73 -15.45 6.03 -32.17
N TYR D 74 -15.24 5.97 -33.49
CA TYR D 74 -15.94 5.00 -34.30
C TYR D 74 -15.41 3.59 -34.13
N SER D 75 -14.25 3.42 -33.50
CA SER D 75 -13.67 2.09 -33.35
C SER D 75 -14.45 1.21 -32.40
N ARG D 76 -15.34 1.78 -31.58
CA ARG D 76 -16.10 0.98 -30.64
C ARG D 76 -17.14 0.12 -31.34
N TRP D 77 -17.90 0.71 -32.27
CA TRP D 77 -18.87 -0.07 -33.03
C TRP D 77 -18.14 -1.09 -33.90
N SER D 78 -18.59 -2.34 -33.84
CA SER D 78 -18.04 -3.38 -34.69
C SER D 78 -18.66 -3.39 -36.08
N GLY D 79 -19.67 -2.55 -36.33
CA GLY D 79 -20.31 -2.56 -37.63
C GLY D 79 -19.59 -1.73 -38.68
N LEU D 80 -18.94 -0.66 -38.26
CA LEU D 80 -18.28 0.24 -39.21
C LEU D 80 -17.05 -0.42 -39.82
N LEU D 81 -16.78 -0.08 -41.07
CA LEU D 81 -15.69 -0.68 -41.84
C LEU D 81 -14.60 0.34 -42.14
N SER D 82 -13.35 -0.10 -42.04
CA SER D 82 -12.21 0.74 -42.37
C SER D 82 -11.87 0.63 -43.86
N PRO D 83 -11.10 1.58 -44.39
CA PRO D 83 -10.71 1.50 -45.80
C PRO D 83 -10.04 0.19 -46.20
N CYS D 84 -9.15 -0.33 -45.37
CA CYS D 84 -8.51 -1.60 -45.68
C CYS D 84 -9.54 -2.72 -45.77
N ASP D 85 -10.63 -2.60 -45.03
CA ASP D 85 -11.73 -3.54 -45.17
C ASP D 85 -12.52 -3.30 -46.45
N ALA D 86 -12.78 -2.04 -46.79
CA ALA D 86 -13.57 -1.73 -47.98
C ALA D 86 -12.86 -2.18 -49.25
N ASP D 87 -11.53 -2.22 -49.23
CA ASP D 87 -10.81 -2.75 -50.39
C ASP D 87 -11.17 -4.20 -50.64
N TRP D 88 -11.38 -4.98 -49.58
CA TRP D 88 -11.67 -6.40 -49.69
C TRP D 88 -13.00 -6.68 -50.39
N LEU D 89 -13.89 -5.69 -50.45
CA LEU D 89 -15.22 -5.89 -51.00
C LEU D 89 -15.42 -5.14 -52.32
N GLY D 90 -14.35 -4.72 -52.98
CA GLY D 90 -14.47 -4.00 -54.22
C GLY D 90 -15.11 -2.64 -54.09
N MET D 91 -14.74 -1.87 -53.06
CA MET D 91 -15.29 -0.55 -52.82
C MET D 91 -14.32 0.58 -53.10
N LEU D 92 -13.02 0.32 -53.04
CA LEU D 92 -11.99 1.31 -53.33
C LEU D 92 -10.66 0.57 -53.47
N VAL D 93 -9.60 1.33 -53.70
CA VAL D 93 -8.26 0.79 -53.81
C VAL D 93 -7.30 1.65 -53.00
N VAL D 94 -6.56 1.03 -52.09
CA VAL D 94 -5.51 1.70 -51.32
C VAL D 94 -4.20 1.47 -52.07
N LYS D 95 -3.66 2.52 -52.67
CA LYS D 95 -2.50 2.35 -53.54
C LYS D 95 -1.20 2.32 -52.75
N LYS D 96 -0.14 1.88 -53.41
CA LYS D 96 1.15 1.73 -52.77
C LYS D 96 1.83 3.08 -52.61
N ALA D 97 2.80 3.13 -51.70
CA ALA D 97 3.52 4.37 -51.43
C ALA D 97 4.44 4.73 -52.60
N LYS D 98 4.79 6.01 -52.66
CA LYS D 98 5.66 6.53 -53.71
C LYS D 98 6.65 7.51 -53.09
N GLY D 99 7.67 7.86 -53.86
CA GLY D 99 8.68 8.77 -53.37
C GLY D 99 8.16 10.17 -53.10
N SER D 100 7.27 10.66 -53.97
CA SER D 100 6.75 12.00 -53.82
C SER D 100 5.79 12.12 -52.64
N ASP D 101 5.32 11.00 -52.10
CA ASP D 101 4.42 11.04 -50.96
C ASP D 101 5.14 11.58 -49.73
N MET D 102 4.38 12.24 -48.85
CA MET D 102 4.92 12.85 -47.65
C MET D 102 4.27 12.22 -46.43
N ILE D 103 5.09 11.80 -45.48
CA ILE D 103 4.62 11.12 -44.28
C ILE D 103 4.31 12.16 -43.21
N VAL D 104 3.16 12.00 -42.58
CA VAL D 104 2.72 12.98 -41.57
C VAL D 104 3.59 12.84 -40.33
N PRO D 105 3.96 13.94 -39.66
CA PRO D 105 4.65 13.85 -38.37
C PRO D 105 3.68 13.90 -37.20
N GLY D 106 4.01 13.13 -36.16
CA GLY D 106 3.17 13.07 -34.98
C GLY D 106 2.86 11.70 -34.40
N PRO D 107 2.63 10.67 -35.22
CA PRO D 107 2.27 9.36 -34.67
C PRO D 107 3.50 8.55 -34.29
N SER D 108 3.26 7.50 -33.50
CA SER D 108 4.32 6.63 -33.01
C SER D 108 4.57 5.56 -34.06
N TYR D 109 5.53 5.81 -34.94
CA TYR D 109 5.80 4.94 -36.06
C TYR D 109 6.63 3.72 -35.68
N LYS D 110 7.29 3.72 -34.53
CA LYS D 110 8.34 2.75 -34.26
C LYS D 110 7.77 1.33 -34.16
N GLY D 111 8.46 0.39 -34.81
CA GLY D 111 8.12 -1.01 -34.69
C GLY D 111 6.94 -1.48 -35.51
N LYS D 112 6.34 -0.63 -36.33
CA LYS D 112 5.16 -1.01 -37.07
C LYS D 112 5.51 -1.82 -38.30
N VAL D 113 4.48 -2.39 -38.93
CA VAL D 113 4.63 -3.12 -40.18
C VAL D 113 3.81 -2.50 -41.31
N PHE D 114 2.56 -2.12 -41.03
CA PHE D 114 1.71 -1.51 -42.04
C PHE D 114 0.94 -0.34 -41.45
N PHE D 115 0.90 0.78 -42.17
CA PHE D 115 0.00 1.86 -41.80
C PHE D 115 -0.47 2.62 -43.04
N GLU D 116 -1.72 3.08 -42.99
CA GLU D 116 -2.37 3.74 -44.12
C GLU D 116 -2.91 5.09 -43.71
N ARG D 117 -2.83 6.05 -44.61
CA ARG D 117 -3.27 7.42 -44.39
C ARG D 117 -4.16 7.88 -45.53
N PRO D 118 -5.18 8.69 -45.24
CA PRO D 118 -5.93 9.34 -46.30
C PRO D 118 -5.18 10.54 -46.85
N THR D 119 -5.07 10.60 -48.17
CA THR D 119 -4.44 11.69 -48.90
C THR D 119 -5.52 12.45 -49.66
N PHE D 120 -5.24 13.73 -49.93
CA PHE D 120 -6.20 14.62 -50.58
C PHE D 120 -6.88 13.98 -51.78
N ASP D 121 -6.22 13.05 -52.46
CA ASP D 121 -6.78 12.41 -53.65
C ASP D 121 -6.72 10.89 -53.60
N GLY D 122 -6.81 10.29 -52.41
CA GLY D 122 -6.83 8.84 -52.34
C GLY D 122 -6.43 8.36 -50.96
N TYR D 123 -5.85 7.17 -50.93
CA TYR D 123 -5.35 6.55 -49.70
C TYR D 123 -4.01 5.91 -50.00
N VAL D 124 -3.04 6.11 -49.11
CA VAL D 124 -1.68 5.64 -49.32
C VAL D 124 -1.28 4.76 -48.14
N GLY D 125 -0.73 3.60 -48.45
CA GLY D 125 -0.36 2.63 -47.43
C GLY D 125 1.11 2.25 -47.53
N TRP D 126 1.81 2.36 -46.40
CA TRP D 126 3.20 1.95 -46.28
C TRP D 126 3.28 0.61 -45.57
N GLY D 127 4.17 -0.25 -46.07
CA GLY D 127 4.39 -1.55 -45.47
C GLY D 127 5.84 -1.95 -45.53
N CYS D 128 6.17 -2.99 -44.78
CA CYS D 128 7.51 -3.55 -44.75
C CYS D 128 7.42 -5.06 -44.95
N GLY D 129 8.55 -5.68 -45.28
CA GLY D 129 8.60 -7.06 -45.65
C GLY D 129 8.83 -7.99 -44.47
N SER D 130 9.41 -9.16 -44.77
CA SER D 130 9.62 -10.19 -43.77
C SER D 130 10.79 -9.84 -42.86
N GLY D 131 10.57 -9.92 -41.56
CA GLY D 131 11.64 -9.71 -40.61
C GLY D 131 12.07 -8.28 -40.44
N LYS D 132 11.22 -7.31 -40.77
CA LYS D 132 11.58 -5.90 -40.69
C LYS D 132 10.49 -5.11 -39.96
N SER D 133 10.86 -3.91 -39.56
CA SER D 133 9.97 -2.96 -38.90
C SER D 133 10.54 -1.57 -39.08
N ARG D 134 9.69 -0.56 -38.90
CA ARG D 134 10.08 0.79 -39.23
C ARG D 134 10.95 1.39 -38.12
N THR D 135 11.47 2.59 -38.42
CA THR D 135 12.20 3.40 -37.46
C THR D 135 11.29 4.51 -36.94
N GLU D 136 11.83 5.36 -36.07
CA GLU D 136 11.01 6.38 -35.44
C GLU D 136 10.50 7.39 -36.45
N SER D 137 11.34 7.78 -37.40
CA SER D 137 10.94 8.76 -38.41
C SER D 137 10.15 8.13 -39.55
N GLY D 138 10.01 6.81 -39.57
CA GLY D 138 9.21 6.17 -40.60
C GLY D 138 9.75 6.35 -42.00
N GLU D 139 11.06 6.17 -42.19
CA GLU D 139 11.67 6.34 -43.49
C GLU D 139 12.03 5.01 -44.16
N LEU D 140 12.74 4.13 -43.46
CA LEU D 140 13.18 2.87 -44.04
C LEU D 140 12.96 1.73 -43.05
N CYS D 141 12.66 0.55 -43.59
CA CYS D 141 12.44 -0.63 -42.78
C CYS D 141 13.79 -1.27 -42.44
N SER D 142 13.96 -1.67 -41.17
CA SER D 142 15.18 -2.29 -40.70
C SER D 142 14.83 -3.55 -39.93
N SER D 143 15.79 -4.46 -39.86
CA SER D 143 15.53 -5.77 -39.28
C SER D 143 15.19 -5.66 -37.80
N ASP D 144 14.32 -6.57 -37.34
CA ASP D 144 13.88 -6.62 -35.96
C ASP D 144 13.78 -8.08 -35.52
N SER D 145 14.17 -8.34 -34.27
CA SER D 145 14.13 -9.70 -33.75
C SER D 145 12.74 -10.11 -33.27
N GLY D 146 11.79 -9.19 -33.25
CA GLY D 146 10.45 -9.49 -32.79
C GLY D 146 9.52 -10.05 -33.84
N THR D 147 10.03 -10.35 -35.05
CA THR D 147 9.19 -10.79 -36.15
C THR D 147 9.62 -12.15 -36.70
N SER D 148 10.31 -12.95 -35.89
CA SER D 148 10.78 -14.25 -36.36
C SER D 148 9.63 -15.19 -36.66
N SER D 149 8.57 -15.14 -35.84
CA SER D 149 7.46 -16.08 -35.99
C SER D 149 6.77 -15.92 -37.34
N GLY D 150 6.54 -14.69 -37.77
CA GLY D 150 5.73 -14.42 -38.93
C GLY D 150 4.24 -14.37 -38.65
N LEU D 151 3.82 -14.64 -37.42
CA LEU D 151 2.45 -14.45 -36.98
C LEU D 151 2.50 -13.36 -35.93
N LEU D 152 2.47 -12.12 -36.39
CA LEU D 152 2.70 -10.99 -35.50
C LEU D 152 1.44 -10.64 -34.71
N PRO D 153 1.61 -10.07 -33.52
CA PRO D 153 0.45 -9.59 -32.77
C PRO D 153 -0.26 -8.47 -33.50
N SER D 154 -1.53 -8.27 -33.13
CA SER D 154 -2.34 -7.26 -33.78
C SER D 154 -1.89 -5.84 -33.46
N ASP D 155 -1.00 -5.66 -32.48
CA ASP D 155 -0.55 -4.32 -32.12
C ASP D 155 0.31 -3.71 -33.22
N ARG D 156 0.93 -4.54 -34.03
CA ARG D 156 1.86 -4.08 -35.05
C ARG D 156 1.18 -3.51 -36.29
N VAL D 157 -0.12 -3.23 -36.24
CA VAL D 157 -0.85 -2.65 -37.36
C VAL D 157 -1.45 -1.34 -36.92
N LEU D 158 -1.22 -0.28 -37.70
CA LEU D 158 -1.64 1.06 -37.34
C LEU D 158 -2.53 1.63 -38.44
N TRP D 159 -3.64 2.25 -38.05
CA TRP D 159 -4.53 2.95 -38.97
C TRP D 159 -4.71 4.38 -38.49
N ILE D 160 -4.23 5.34 -39.28
CA ILE D 160 -4.19 6.74 -38.87
C ILE D 160 -5.54 7.37 -39.17
N GLY D 161 -6.15 7.98 -38.17
CA GLY D 161 -7.37 8.71 -38.37
C GLY D 161 -8.59 7.90 -37.95
N ASP D 162 -9.67 8.63 -37.68
CA ASP D 162 -10.94 8.04 -37.31
C ASP D 162 -11.81 8.06 -38.57
N VAL D 163 -11.89 6.92 -39.24
CA VAL D 163 -12.54 6.81 -40.54
C VAL D 163 -13.36 5.52 -40.58
N ALA D 164 -14.51 5.60 -41.23
CA ALA D 164 -15.35 4.43 -41.48
C ALA D 164 -16.36 4.82 -42.55
N CYS D 165 -16.77 3.84 -43.35
CA CYS D 165 -17.68 4.20 -44.43
C CYS D 165 -18.47 3.00 -44.93
N GLN D 166 -19.23 3.22 -46.00
CA GLN D 166 -20.41 2.44 -46.34
C GLN D 166 -20.67 2.60 -47.83
N PRO D 167 -21.62 1.84 -48.38
CA PRO D 167 -21.95 2.00 -49.80
C PRO D 167 -22.45 3.39 -50.13
N MET D 168 -22.21 3.78 -51.38
CA MET D 168 -22.38 5.16 -51.84
C MET D 168 -23.39 5.24 -52.97
N THR D 169 -24.16 6.34 -52.98
CA THR D 169 -25.18 6.58 -53.99
C THR D 169 -24.65 7.59 -55.00
N PRO D 170 -24.58 7.26 -56.29
CA PRO D 170 -23.85 8.12 -57.24
C PRO D 170 -24.45 9.51 -57.34
N ILE D 171 -23.59 10.48 -57.62
CA ILE D 171 -23.96 11.89 -57.68
C ILE D 171 -23.53 12.46 -59.03
N PRO D 172 -24.30 13.35 -59.64
CA PRO D 172 -23.87 13.93 -60.92
C PRO D 172 -22.54 14.65 -60.80
N GLU D 173 -21.76 14.58 -61.88
CA GLU D 173 -20.39 15.10 -61.86
C GLU D 173 -20.38 16.61 -61.63
N GLU D 174 -21.30 17.34 -62.26
CA GLU D 174 -21.31 18.79 -62.15
C GLU D 174 -21.53 19.27 -60.72
N THR D 175 -22.09 18.43 -59.86
CA THR D 175 -22.30 18.82 -58.48
C THR D 175 -20.98 18.98 -57.73
N PHE D 176 -20.01 18.10 -58.03
CA PHE D 176 -18.74 18.12 -57.32
C PHE D 176 -17.99 19.43 -57.54
N LEU D 177 -17.97 19.90 -58.79
CA LEU D 177 -17.23 21.13 -59.08
C LEU D 177 -17.86 22.33 -58.38
N GLU D 178 -19.19 22.39 -58.32
CA GLU D 178 -19.85 23.54 -57.71
C GLU D 178 -19.87 23.46 -56.19
N LEU D 179 -19.65 22.27 -55.61
CA LEU D 179 -19.29 22.23 -54.19
C LEU D 179 -17.84 22.65 -53.96
N LYS D 180 -16.93 22.24 -54.86
CA LYS D 180 -15.53 22.60 -54.70
C LYS D 180 -15.34 24.11 -54.78
N SER D 181 -16.11 24.77 -55.65
CA SER D 181 -16.01 26.23 -55.77
C SER D 181 -16.32 26.90 -54.45
N PHE D 182 -17.37 26.44 -53.76
CA PHE D 182 -17.69 26.98 -52.45
C PHE D 182 -16.66 26.59 -51.39
N SER D 183 -16.04 25.42 -51.54
CA SER D 183 -15.05 24.98 -50.57
C SER D 183 -13.76 25.78 -50.62
N GLN D 184 -13.55 26.60 -51.65
CA GLN D 184 -12.32 27.36 -51.75
C GLN D 184 -12.23 28.44 -50.68
N SER D 185 -13.37 28.97 -50.24
CA SER D 185 -13.38 30.07 -49.29
C SER D 185 -13.21 29.62 -47.84
N GLU D 186 -13.34 28.33 -47.55
CA GLU D 186 -13.31 27.88 -46.16
C GLU D 186 -11.92 28.02 -45.55
N PHE D 187 -10.87 27.75 -46.32
CA PHE D 187 -9.49 27.85 -45.86
C PHE D 187 -8.69 28.64 -46.87
N PRO D 188 -8.90 29.96 -46.92
CA PRO D 188 -8.23 30.77 -47.95
C PRO D 188 -6.71 30.82 -47.81
N ASP D 189 -6.18 30.73 -46.59
CA ASP D 189 -4.74 30.89 -46.39
C ASP D 189 -3.95 29.79 -47.08
N ILE D 190 -4.42 28.55 -46.99
CA ILE D 190 -3.71 27.42 -47.58
C ILE D 190 -3.75 27.53 -49.10
N CYS D 191 -2.70 27.06 -49.76
CA CYS D 191 -2.65 27.07 -51.22
C CYS D 191 -2.53 25.68 -51.84
N LYS D 192 -1.62 24.85 -51.36
CA LYS D 192 -1.42 23.52 -51.92
C LYS D 192 -1.52 22.48 -50.81
N ILE D 193 -2.27 21.42 -51.08
CA ILE D 193 -2.41 20.30 -50.16
C ILE D 193 -1.86 19.06 -50.85
N ASP D 194 -0.86 18.43 -50.23
CA ASP D 194 -0.30 17.18 -50.74
C ASP D 194 0.17 17.32 -52.18
N GLY D 195 0.78 18.45 -52.50
CA GLY D 195 1.28 18.68 -53.83
C GLY D 195 0.22 18.99 -54.86
N ILE D 196 -1.01 19.27 -54.43
CA ILE D 196 -2.13 19.55 -55.32
C ILE D 196 -2.56 20.99 -55.10
N VAL D 197 -2.78 21.72 -56.20
CA VAL D 197 -3.20 23.11 -56.10
C VAL D 197 -4.63 23.18 -55.59
N PHE D 198 -4.86 24.03 -54.60
CA PHE D 198 -6.20 24.31 -54.08
C PHE D 198 -6.68 25.71 -54.37
N ASN D 199 -5.78 26.70 -54.26
CA ASN D 199 -6.07 28.08 -54.64
C ASN D 199 -4.95 28.57 -55.55
N GLN D 200 -5.27 29.55 -56.39
CA GLN D 200 -4.32 30.09 -57.35
C GLN D 200 -3.28 30.92 -56.61
N CYS D 201 -2.10 30.35 -56.38
CA CYS D 201 -1.02 31.02 -55.69
C CYS D 201 0.28 30.84 -56.47
N GLU D 202 1.20 31.76 -56.26
CA GLU D 202 2.49 31.73 -56.95
C GLU D 202 3.56 31.02 -56.12
N GLY D 203 3.82 31.50 -54.92
CA GLY D 203 4.83 30.91 -54.05
C GLY D 203 4.20 30.38 -52.77
N GLU D 204 4.79 29.30 -52.26
CA GLU D 204 4.26 28.62 -51.08
C GLU D 204 5.37 28.41 -50.06
N SER D 205 4.97 28.34 -48.79
CA SER D 205 5.90 28.03 -47.72
C SER D 205 6.13 26.52 -47.66
N LEU D 206 6.86 26.09 -46.65
CA LEU D 206 7.18 24.68 -46.52
C LEU D 206 5.96 23.91 -46.00
N PRO D 207 5.88 22.61 -46.26
CA PRO D 207 4.77 21.81 -45.73
C PRO D 207 4.70 21.86 -44.21
N GLN D 208 3.47 21.84 -43.69
CA GLN D 208 3.21 21.84 -42.27
C GLN D 208 2.02 20.95 -41.97
N PRO D 209 1.93 20.42 -40.75
CA PRO D 209 0.71 19.70 -40.35
C PRO D 209 -0.50 20.61 -40.33
N PHE D 210 -1.66 20.02 -40.65
CA PHE D 210 -2.91 20.75 -40.72
C PHE D 210 -4.05 19.79 -40.38
N ASP D 211 -5.12 20.33 -39.78
CA ASP D 211 -6.22 19.55 -39.29
C ASP D 211 -7.51 19.92 -40.02
N VAL D 212 -8.26 18.90 -40.43
CA VAL D 212 -9.48 19.13 -41.21
C VAL D 212 -10.33 17.86 -41.25
N ALA D 213 -11.64 18.03 -41.37
CA ALA D 213 -12.55 16.94 -41.69
C ALA D 213 -12.83 16.95 -43.19
N TRP D 214 -13.26 15.81 -43.71
CA TRP D 214 -13.35 15.65 -45.16
C TRP D 214 -14.34 14.56 -45.51
N MET D 215 -14.77 14.56 -46.77
CA MET D 215 -15.60 13.49 -47.30
C MET D 215 -15.09 13.11 -48.68
N ASP D 216 -15.37 11.86 -49.06
CA ASP D 216 -14.94 11.33 -50.35
C ASP D 216 -16.16 11.08 -51.22
N VAL D 217 -16.07 11.51 -52.49
CA VAL D 217 -17.14 11.33 -53.47
C VAL D 217 -16.65 10.63 -54.72
N GLY D 218 -15.34 10.58 -54.94
CA GLY D 218 -14.79 10.04 -56.18
C GLY D 218 -14.15 11.14 -57.00
N HIS D 219 -14.23 11.02 -58.32
CA HIS D 219 -13.74 12.05 -59.24
C HIS D 219 -12.24 12.24 -58.99
N SER D 220 -11.77 13.49 -59.08
CA SER D 220 -10.34 13.75 -58.95
C SER D 220 -9.87 13.64 -57.50
N HIS D 221 -10.65 14.16 -56.55
CA HIS D 221 -10.18 14.26 -55.18
C HIS D 221 -11.38 14.34 -54.24
N LYS D 222 -11.11 14.57 -52.96
CA LYS D 222 -12.11 14.65 -51.92
C LYS D 222 -12.57 16.10 -51.72
N ILE D 223 -13.50 16.26 -50.78
CA ILE D 223 -14.04 17.57 -50.42
C ILE D 223 -13.70 17.81 -48.95
N ILE D 224 -12.81 18.76 -48.69
CA ILE D 224 -12.51 19.15 -47.32
C ILE D 224 -13.69 19.92 -46.74
N MET D 225 -13.66 20.15 -45.43
CA MET D 225 -14.75 20.86 -44.79
C MET D 225 -14.25 21.63 -43.57
N ARG D 226 -14.89 22.77 -43.30
CA ARG D 226 -14.63 23.55 -42.11
C ARG D 226 -15.71 23.37 -41.06
N GLU D 227 -16.98 23.60 -41.41
CA GLU D 227 -18.10 23.39 -40.50
C GLU D 227 -19.20 22.65 -41.25
N HIS D 228 -19.82 21.67 -40.58
CA HIS D 228 -20.83 20.86 -41.22
C HIS D 228 -21.63 20.12 -40.16
N LYS D 229 -22.82 19.66 -40.56
CA LYS D 229 -23.71 18.86 -39.74
C LYS D 229 -23.88 17.47 -40.36
N THR D 230 -24.01 16.46 -39.51
CA THR D 230 -24.17 15.08 -39.93
C THR D 230 -25.39 14.47 -39.22
N LYS D 231 -25.76 13.27 -39.64
CA LYS D 231 -26.91 12.60 -39.05
C LYS D 231 -26.88 11.13 -39.43
N TRP D 232 -27.44 10.29 -38.56
CA TRP D 232 -27.54 8.86 -38.79
C TRP D 232 -28.95 8.51 -39.26
N VAL D 233 -29.06 8.04 -40.50
CA VAL D 233 -30.32 7.58 -41.07
C VAL D 233 -30.30 6.06 -41.10
N GLN D 234 -31.39 5.46 -40.64
CA GLN D 234 -31.52 4.00 -40.65
C GLN D 234 -32.28 3.54 -41.89
N GLU D 235 -31.79 2.50 -42.51
CA GLU D 235 -32.47 1.91 -43.66
C GLU D 235 -32.73 0.43 -43.50
N SER D 236 -31.80 -0.31 -42.89
CA SER D 236 -31.93 -1.75 -42.67
C SER D 236 -32.14 -2.51 -43.98
N SER D 237 -31.14 -2.43 -44.86
CA SER D 237 -31.17 -3.13 -46.13
C SER D 237 -30.63 -4.54 -45.96
N SER D 238 -30.46 -5.27 -47.07
CA SER D 238 -30.07 -6.68 -46.99
C SER D 238 -28.62 -6.88 -46.61
N LYS D 239 -27.79 -5.84 -46.68
CA LYS D 239 -26.39 -5.95 -46.32
C LYS D 239 -26.15 -5.86 -44.82
N ASP D 240 -27.20 -5.60 -44.04
CA ASP D 240 -27.08 -5.47 -42.58
C ASP D 240 -27.31 -6.80 -41.87
N PHE D 241 -27.42 -7.91 -42.59
CA PHE D 241 -27.67 -9.21 -41.99
C PHE D 241 -26.57 -10.16 -42.42
N VAL D 242 -25.79 -10.64 -41.45
CA VAL D 242 -24.77 -11.66 -41.67
C VAL D 242 -24.99 -12.76 -40.65
N CYS D 243 -24.61 -13.99 -40.99
CA CYS D 243 -24.92 -15.09 -40.10
C CYS D 243 -24.02 -16.29 -40.32
N TYR D 244 -24.04 -17.17 -39.32
CA TYR D 244 -23.01 -18.16 -39.06
C TYR D 244 -23.62 -19.28 -38.23
N LYS D 245 -23.82 -20.44 -38.83
CA LYS D 245 -24.31 -21.58 -38.07
C LYS D 245 -23.16 -22.18 -37.29
N GLU D 246 -23.45 -22.60 -36.06
CA GLU D 246 -22.39 -23.00 -35.15
C GLU D 246 -21.73 -24.30 -35.58
N GLY D 247 -20.41 -24.37 -35.43
CA GLY D 247 -19.69 -25.61 -35.52
C GLY D 247 -18.64 -25.75 -36.60
N THR D 248 -18.92 -25.30 -37.82
CA THR D 248 -17.95 -25.45 -38.90
C THR D 248 -17.53 -24.12 -39.51
N GLY D 249 -18.47 -23.31 -39.97
CA GLY D 249 -18.15 -22.09 -40.66
C GLY D 249 -19.37 -21.33 -41.11
N PRO D 250 -19.16 -20.18 -41.76
CA PRO D 250 -20.29 -19.38 -42.24
C PRO D 250 -21.08 -20.11 -43.31
N CYS D 251 -22.38 -19.80 -43.36
CA CYS D 251 -23.29 -20.50 -44.27
C CYS D 251 -22.94 -20.19 -45.73
N SER D 252 -23.09 -21.21 -46.57
CA SER D 252 -22.66 -21.11 -47.96
C SER D 252 -23.44 -20.05 -48.71
N GLU D 253 -22.85 -19.56 -49.81
CA GLU D 253 -23.47 -18.47 -50.55
C GLU D 253 -24.84 -18.85 -51.10
N SER D 254 -25.03 -20.12 -51.46
CA SER D 254 -26.36 -20.58 -51.86
C SER D 254 -27.34 -20.47 -50.71
N GLU D 255 -26.98 -21.04 -49.55
CA GLU D 255 -27.84 -20.93 -48.38
C GLU D 255 -27.98 -19.49 -47.92
N GLU D 256 -26.91 -18.69 -48.05
CA GLU D 256 -27.00 -17.29 -47.66
C GLU D 256 -28.01 -16.55 -48.52
N LYS D 257 -27.97 -16.78 -49.84
CA LYS D 257 -28.95 -16.16 -50.73
C LYS D 257 -30.36 -16.63 -50.40
N THR D 258 -30.52 -17.93 -50.13
CA THR D 258 -31.84 -18.44 -49.78
C THR D 258 -32.37 -17.77 -48.53
N CYS D 259 -31.56 -17.73 -47.47
CA CYS D 259 -32.00 -17.12 -46.22
C CYS D 259 -32.23 -15.62 -46.38
N LYS D 260 -31.52 -14.98 -47.31
CA LYS D 260 -31.71 -13.55 -47.55
C LYS D 260 -32.87 -13.25 -48.48
N THR D 261 -33.42 -14.25 -49.17
CA THR D 261 -34.50 -14.03 -50.12
C THR D 261 -35.75 -14.85 -49.88
N SER D 262 -35.68 -15.97 -49.17
CA SER D 262 -36.85 -16.83 -48.98
C SER D 262 -37.51 -16.65 -47.62
N GLY D 263 -36.78 -16.21 -46.61
CA GLY D 263 -37.33 -16.12 -45.27
C GLY D 263 -37.66 -17.46 -44.65
N SER D 264 -36.88 -18.49 -44.94
CA SER D 264 -37.08 -19.83 -44.40
C SER D 264 -35.99 -20.23 -43.40
N CYS D 265 -35.28 -19.24 -42.85
CA CYS D 265 -34.19 -19.49 -41.91
C CYS D 265 -34.43 -18.67 -40.65
N ARG D 266 -33.87 -19.14 -39.54
CA ARG D 266 -34.05 -18.44 -38.27
C ARG D 266 -33.41 -17.06 -38.31
N GLY D 267 -34.07 -16.10 -37.65
CA GLY D 267 -33.58 -14.74 -37.59
C GLY D 267 -33.98 -14.10 -36.29
N ASP D 268 -33.47 -12.88 -36.09
CA ASP D 268 -33.73 -12.15 -34.86
C ASP D 268 -34.86 -11.16 -35.11
N MET D 269 -35.13 -10.28 -34.14
CA MET D 269 -36.32 -9.44 -34.17
C MET D 269 -36.45 -8.66 -35.46
N GLN D 270 -35.40 -7.92 -35.82
CA GLN D 270 -35.46 -7.13 -37.05
C GLN D 270 -35.55 -8.03 -38.28
N PHE D 271 -34.78 -9.12 -38.30
CA PHE D 271 -34.82 -10.01 -39.45
C PHE D 271 -36.17 -10.67 -39.60
N CYS D 272 -36.74 -11.15 -38.48
CA CYS D 272 -38.08 -11.73 -38.54
C CYS D 272 -39.11 -10.70 -38.98
N LYS D 273 -38.92 -9.45 -38.60
CA LYS D 273 -39.88 -8.40 -38.99
C LYS D 273 -39.79 -8.11 -40.48
N VAL D 274 -38.58 -7.92 -41.00
CA VAL D 274 -38.43 -7.46 -42.38
C VAL D 274 -38.82 -8.56 -43.37
N ALA D 275 -38.45 -9.81 -43.09
CA ALA D 275 -38.64 -10.89 -44.05
C ALA D 275 -39.29 -12.12 -43.47
N GLY D 276 -39.36 -12.28 -42.16
CA GLY D 276 -40.01 -13.43 -41.60
C GLY D 276 -39.05 -14.56 -41.29
N CYS D 277 -39.39 -15.35 -40.28
CA CYS D 277 -38.58 -16.48 -39.86
C CYS D 277 -39.46 -17.72 -39.73
N GLU D 278 -38.86 -18.87 -39.98
CA GLU D 278 -39.59 -20.14 -39.92
C GLU D 278 -39.97 -20.49 -38.49
N ALA D 286 -29.04 -28.31 -37.36
CA ALA D 286 -29.61 -27.02 -36.97
C ALA D 286 -29.92 -26.16 -38.18
N LYS D 287 -29.85 -24.85 -38.01
CA LYS D 287 -30.13 -23.90 -39.07
C LYS D 287 -29.13 -22.75 -38.97
N CYS D 288 -29.42 -21.66 -39.67
CA CYS D 288 -28.52 -20.53 -39.80
C CYS D 288 -29.24 -19.29 -39.25
N ARG D 289 -28.90 -18.89 -38.02
CA ARG D 289 -29.56 -17.77 -37.36
C ARG D 289 -28.86 -16.47 -37.74
N CYS D 290 -29.61 -15.55 -38.33
CA CYS D 290 -29.03 -14.33 -38.89
C CYS D 290 -29.49 -13.11 -38.11
N SER D 291 -28.55 -12.21 -37.84
CA SER D 291 -28.79 -11.12 -36.90
C SER D 291 -28.42 -9.76 -37.46
N LEU D 292 -28.39 -8.75 -36.60
CA LEU D 292 -28.07 -7.38 -36.99
C LEU D 292 -26.59 -7.10 -36.76
N VAL D 293 -26.21 -5.82 -36.89
CA VAL D 293 -24.86 -5.37 -36.65
C VAL D 293 -24.92 -4.18 -35.71
N HIS D 294 -23.79 -3.91 -35.05
CA HIS D 294 -23.70 -2.84 -34.07
C HIS D 294 -23.10 -1.60 -34.74
N LYS D 295 -23.94 -0.95 -35.53
CA LYS D 295 -23.60 0.33 -36.15
C LYS D 295 -24.82 1.24 -36.07
N PRO D 296 -24.61 2.55 -36.03
CA PRO D 296 -25.76 3.47 -36.08
C PRO D 296 -26.55 3.36 -37.36
N GLY D 297 -25.97 2.82 -38.43
CA GLY D 297 -26.70 2.66 -39.68
C GLY D 297 -26.00 3.29 -40.85
N GLU D 298 -26.62 4.29 -41.46
CA GLU D 298 -26.04 4.99 -42.60
C GLU D 298 -25.85 6.46 -42.26
N VAL D 299 -24.88 7.08 -42.91
CA VAL D 299 -24.51 8.46 -42.63
C VAL D 299 -25.08 9.36 -43.72
N VAL D 300 -25.59 10.52 -43.32
CA VAL D 300 -25.96 11.58 -44.24
C VAL D 300 -25.39 12.88 -43.71
N VAL D 301 -24.66 13.61 -44.55
CA VAL D 301 -23.99 14.84 -44.17
C VAL D 301 -24.60 15.98 -44.98
N SER D 302 -24.79 17.13 -44.33
CA SER D 302 -25.34 18.32 -44.98
C SER D 302 -24.26 19.38 -45.08
N TYR D 303 -24.01 19.85 -46.30
CA TYR D 303 -23.12 20.99 -46.51
C TYR D 303 -23.68 21.86 -47.63
N GLY D 304 -23.62 23.17 -47.43
CA GLY D 304 -24.15 24.10 -48.42
C GLY D 304 -25.63 23.92 -48.67
N GLY D 305 -26.37 23.53 -47.65
CA GLY D 305 -27.79 23.22 -47.82
C GLY D 305 -28.05 21.92 -48.51
N MET D 306 -27.42 21.69 -49.67
CA MET D 306 -27.64 20.49 -50.46
C MET D 306 -26.92 19.35 -49.75
N ARG D 307 -27.65 18.63 -48.92
CA ARG D 307 -27.07 17.55 -48.14
C ARG D 307 -26.60 16.42 -49.06
N VAL D 308 -25.59 15.70 -48.60
CA VAL D 308 -24.90 14.71 -49.42
C VAL D 308 -24.87 13.36 -48.73
N ARG D 309 -24.85 12.30 -49.53
CA ARG D 309 -24.57 10.96 -49.06
C ARG D 309 -23.15 10.59 -49.49
N PRO D 310 -22.20 10.49 -48.58
CA PRO D 310 -20.80 10.33 -48.98
C PRO D 310 -20.46 8.88 -49.26
N LYS D 311 -19.27 8.68 -49.83
CA LYS D 311 -18.70 7.33 -49.86
C LYS D 311 -17.97 7.04 -48.56
N CYS D 312 -17.08 7.94 -48.14
CA CYS D 312 -16.41 7.81 -46.86
C CYS D 312 -16.32 9.16 -46.18
N TYR D 313 -16.43 9.13 -44.84
CA TYR D 313 -16.35 10.33 -44.01
C TYR D 313 -15.52 10.03 -42.78
N GLY D 314 -14.59 10.93 -42.46
CA GLY D 314 -13.72 10.70 -41.32
C GLY D 314 -12.94 11.93 -40.94
N PHE D 315 -11.95 11.73 -40.08
CA PHE D 315 -11.09 12.80 -39.58
C PHE D 315 -9.65 12.30 -39.52
N SER D 316 -8.72 13.14 -39.98
CA SER D 316 -7.30 12.79 -40.02
C SER D 316 -6.48 14.06 -40.22
N ARG D 317 -5.17 13.90 -40.14
CA ARG D 317 -4.23 15.01 -40.28
C ARG D 317 -3.59 15.00 -41.66
N MET D 318 -3.31 16.19 -42.19
CA MET D 318 -2.85 16.32 -43.57
C MET D 318 -1.71 17.31 -43.66
N MET D 319 -1.11 17.38 -44.85
CA MET D 319 -0.01 18.30 -45.13
C MET D 319 -0.55 19.52 -45.87
N ALA D 320 -0.08 20.70 -45.49
CA ALA D 320 -0.59 21.92 -46.10
C ALA D 320 0.55 22.92 -46.27
N THR D 321 0.40 23.81 -47.26
CA THR D 321 1.35 24.86 -47.54
C THR D 321 0.66 26.21 -47.54
N LEU D 322 1.38 27.23 -47.11
CA LEU D 322 0.87 28.58 -46.99
C LEU D 322 1.61 29.50 -47.96
N GLU D 323 0.87 30.43 -48.55
CA GLU D 323 1.43 31.34 -49.54
C GLU D 323 2.43 32.29 -48.87
N VAL D 324 3.62 32.41 -49.46
CA VAL D 324 4.66 33.26 -48.91
C VAL D 324 4.28 34.73 -49.13
N ASN D 325 4.25 35.49 -48.06
CA ASN D 325 3.78 36.87 -48.12
C ASN D 325 4.92 37.87 -47.94
N SER E 2 3.74 17.47 -17.97
CA SER E 2 2.52 16.77 -17.59
C SER E 2 2.78 15.83 -16.42
N GLU E 3 1.78 15.03 -16.06
CA GLU E 3 1.91 14.12 -14.95
C GLU E 3 0.85 13.03 -15.07
N LEU E 4 1.16 11.86 -14.51
CA LEU E 4 0.23 10.74 -14.44
C LEU E 4 -0.04 10.41 -12.98
N THR E 5 -1.31 10.28 -12.63
CA THR E 5 -1.72 10.09 -11.24
C THR E 5 -2.52 8.81 -11.08
N GLN E 6 -2.31 8.14 -9.94
CA GLN E 6 -2.93 6.86 -9.63
C GLN E 6 -3.64 6.92 -8.29
N ASP E 7 -4.60 6.03 -8.12
CA ASP E 7 -5.21 5.85 -6.81
C ASP E 7 -4.20 5.25 -5.84
N PRO E 8 -4.14 5.73 -4.60
CA PRO E 8 -3.12 5.22 -3.67
C PRO E 8 -3.21 3.73 -3.39
N ALA E 9 -4.42 3.18 -3.31
CA ALA E 9 -4.62 1.75 -3.07
C ALA E 9 -6.12 1.46 -3.13
N VAL E 10 -6.43 0.18 -3.33
CA VAL E 10 -7.82 -0.27 -3.39
C VAL E 10 -7.83 -1.76 -3.09
N SER E 11 -8.98 -2.26 -2.64
CA SER E 11 -9.13 -3.68 -2.37
C SER E 11 -10.53 -4.12 -2.76
N VAL E 12 -10.65 -5.40 -3.12
CA VAL E 12 -11.92 -5.97 -3.55
C VAL E 12 -11.98 -7.41 -3.04
N ALA E 13 -13.16 -7.85 -2.64
CA ALA E 13 -13.31 -9.19 -2.11
C ALA E 13 -13.21 -10.22 -3.23
N LEU E 14 -12.96 -11.46 -2.83
CA LEU E 14 -12.71 -12.56 -3.76
C LEU E 14 -14.03 -12.98 -4.42
N GLY E 15 -14.18 -12.66 -5.71
CA GLY E 15 -15.33 -13.15 -6.44
C GLY E 15 -15.94 -12.20 -7.47
N GLN E 16 -15.52 -10.94 -7.50
CA GLN E 16 -16.12 -10.01 -8.43
C GLN E 16 -15.08 -9.25 -9.24
N THR E 17 -15.54 -8.23 -9.97
CA THR E 17 -14.72 -7.46 -10.88
C THR E 17 -14.37 -6.11 -10.29
N VAL E 18 -13.11 -5.70 -10.43
CA VAL E 18 -12.63 -4.42 -9.96
C VAL E 18 -11.90 -3.71 -11.10
N ARG E 19 -11.84 -2.38 -10.99
CA ARG E 19 -11.34 -1.50 -12.03
C ARG E 19 -10.33 -0.52 -11.41
N ILE E 20 -9.25 -0.25 -12.13
CA ILE E 20 -8.24 0.71 -11.71
C ILE E 20 -8.05 1.72 -12.82
N THR E 21 -8.05 3.01 -12.46
CA THR E 21 -8.04 4.10 -13.43
C THR E 21 -6.76 4.91 -13.29
N CYS E 22 -6.09 5.13 -14.42
CA CYS E 22 -4.94 6.02 -14.53
C CYS E 22 -5.30 7.18 -15.44
N GLN E 23 -5.17 8.40 -14.93
CA GLN E 23 -5.59 9.58 -15.68
C GLN E 23 -4.41 10.49 -15.96
N GLY E 24 -4.47 11.16 -17.11
CA GLY E 24 -3.42 12.05 -17.54
C GLY E 24 -3.71 12.69 -18.89
N ASP E 25 -3.43 13.98 -19.03
CA ASP E 25 -3.78 14.72 -20.23
C ASP E 25 -2.92 14.32 -21.43
N SER E 26 -1.87 13.54 -21.23
CA SER E 26 -1.01 13.10 -22.32
C SER E 26 -1.51 11.82 -22.99
N LEU E 27 -2.61 11.24 -22.51
CA LEU E 27 -3.15 10.01 -23.07
C LEU E 27 -4.20 10.27 -24.14
N ARG E 28 -4.45 11.54 -24.48
CA ARG E 28 -5.40 11.82 -25.55
C ARG E 28 -4.88 11.34 -26.89
N SER E 29 -3.57 11.29 -27.06
CA SER E 29 -2.97 10.86 -28.31
C SER E 29 -2.16 9.58 -28.21
N TYR E 30 -1.92 9.07 -27.01
CA TYR E 30 -1.07 7.89 -26.84
C TYR E 30 -1.68 6.93 -25.84
N TYR E 31 -1.37 5.64 -26.02
CA TYR E 31 -1.76 4.60 -25.09
C TYR E 31 -0.85 4.64 -23.86
N ALA E 32 -1.19 3.84 -22.86
CA ALA E 32 -0.37 3.68 -21.67
C ALA E 32 -0.28 2.20 -21.35
N SER E 33 0.80 1.80 -20.70
CA SER E 33 1.01 0.39 -20.40
C SER E 33 0.96 0.17 -18.90
N TRP E 34 0.50 -1.03 -18.52
CA TRP E 34 0.22 -1.36 -17.14
C TRP E 34 1.16 -2.44 -16.64
N TYR E 35 1.62 -2.31 -15.39
CA TYR E 35 2.57 -3.22 -14.80
C TYR E 35 2.10 -3.71 -13.43
N GLN E 36 2.46 -4.94 -13.12
CA GLN E 36 2.12 -5.62 -11.88
C GLN E 36 3.39 -5.95 -11.11
N GLN E 37 3.34 -5.86 -9.78
CA GLN E 37 4.48 -6.23 -8.94
C GLN E 37 3.97 -6.78 -7.62
N LYS E 38 4.27 -8.05 -7.35
CA LYS E 38 4.02 -8.59 -6.02
C LYS E 38 5.13 -8.14 -5.08
N PRO E 39 4.79 -7.68 -3.87
CA PRO E 39 5.82 -7.15 -2.97
C PRO E 39 6.92 -8.17 -2.69
N GLY E 40 8.13 -7.86 -3.16
CA GLY E 40 9.25 -8.76 -3.04
C GLY E 40 9.79 -9.32 -4.33
N GLN E 41 9.32 -8.87 -5.48
CA GLN E 41 9.85 -9.33 -6.75
C GLN E 41 9.77 -8.21 -7.78
N ALA E 42 10.24 -8.50 -9.00
CA ALA E 42 10.31 -7.53 -10.08
C ALA E 42 8.95 -7.38 -10.77
N PRO E 43 8.73 -6.23 -11.42
CA PRO E 43 7.45 -6.04 -12.12
C PRO E 43 7.29 -6.95 -13.32
N VAL E 44 6.04 -7.19 -13.68
CA VAL E 44 5.68 -7.98 -14.85
C VAL E 44 4.60 -7.24 -15.64
N LEU E 45 4.76 -7.19 -16.96
CA LEU E 45 3.86 -6.45 -17.81
C LEU E 45 2.58 -7.25 -18.06
N VAL E 46 1.43 -6.57 -17.94
CA VAL E 46 0.15 -7.27 -18.04
C VAL E 46 -0.69 -6.77 -19.22
N ILE E 47 -0.57 -5.50 -19.57
CA ILE E 47 -1.41 -4.90 -20.60
C ILE E 47 -0.64 -3.82 -21.33
N TYR E 48 -0.73 -3.84 -22.65
CA TYR E 48 -0.16 -2.79 -23.49
C TYR E 48 -1.05 -2.61 -24.71
N GLY E 49 -0.73 -1.60 -25.51
CA GLY E 49 -1.38 -1.43 -26.80
C GLY E 49 -2.87 -1.20 -26.65
N LYS E 50 -3.63 -1.78 -27.57
CA LYS E 50 -5.09 -1.75 -27.52
C LYS E 50 -5.56 -3.13 -27.07
N ASN E 51 -5.65 -3.31 -25.76
CA ASN E 51 -6.08 -4.57 -25.15
C ASN E 51 -5.24 -5.74 -25.64
N ASN E 52 -3.93 -5.54 -25.71
CA ASN E 52 -3.00 -6.59 -26.09
C ASN E 52 -2.45 -7.22 -24.82
N ARG E 53 -2.77 -8.48 -24.59
CA ARG E 53 -2.24 -9.22 -23.46
C ARG E 53 -1.19 -10.20 -23.94
N PRO E 54 0.00 -10.21 -23.36
CA PRO E 54 1.05 -11.10 -23.87
C PRO E 54 0.76 -12.55 -23.54
N SER E 55 1.57 -13.42 -24.11
CA SER E 55 1.51 -14.83 -23.73
C SER E 55 1.91 -14.99 -22.27
N GLY E 56 1.15 -15.82 -21.56
CA GLY E 56 1.38 -16.06 -20.15
C GLY E 56 0.44 -15.32 -19.23
N ILE E 57 -0.27 -14.31 -19.73
CA ILE E 57 -1.27 -13.58 -18.96
C ILE E 57 -2.65 -14.08 -19.39
N PRO E 58 -3.50 -14.50 -18.46
CA PRO E 58 -4.84 -14.95 -18.85
C PRO E 58 -5.65 -13.82 -19.47
N ASP E 59 -6.56 -14.19 -20.37
CA ASP E 59 -7.47 -13.23 -20.98
C ASP E 59 -8.47 -12.66 -19.99
N ARG E 60 -8.37 -12.99 -18.71
CA ARG E 60 -9.33 -12.53 -17.71
C ARG E 60 -9.05 -11.08 -17.32
N PHE E 61 -7.95 -10.51 -17.78
CA PHE E 61 -7.67 -9.08 -17.65
C PHE E 61 -8.24 -8.32 -18.84
N SER E 62 -8.40 -7.01 -18.68
CA SER E 62 -8.89 -6.18 -19.77
C SER E 62 -8.34 -4.77 -19.61
N GLY E 63 -8.21 -4.08 -20.73
CA GLY E 63 -7.75 -2.70 -20.72
C GLY E 63 -8.58 -1.87 -21.68
N SER E 64 -8.83 -0.63 -21.27
CA SER E 64 -9.68 0.25 -22.06
C SER E 64 -9.23 1.70 -21.84
N SER E 65 -9.77 2.59 -22.66
CA SER E 65 -9.41 4.00 -22.60
C SER E 65 -10.62 4.83 -22.97
N SER E 66 -10.64 6.06 -22.45
CA SER E 66 -11.74 6.99 -22.72
C SER E 66 -11.27 8.38 -22.33
N GLY E 67 -11.32 9.31 -23.29
CA GLY E 67 -10.83 10.65 -23.01
C GLY E 67 -9.37 10.60 -22.65
N ASN E 68 -9.05 11.12 -21.46
CA ASN E 68 -7.69 11.10 -20.94
C ASN E 68 -7.52 10.08 -19.81
N THR E 69 -8.42 9.12 -19.69
CA THR E 69 -8.38 8.14 -18.61
C THR E 69 -8.31 6.74 -19.17
N ALA E 70 -7.30 5.98 -18.76
CA ALA E 70 -7.20 4.57 -19.08
C ALA E 70 -7.61 3.73 -17.88
N SER E 71 -7.99 2.48 -18.15
CA SER E 71 -8.54 1.63 -17.10
C SER E 71 -8.08 0.19 -17.32
N LEU E 72 -7.50 -0.40 -16.28
CA LEU E 72 -7.18 -1.82 -16.25
C LEU E 72 -8.18 -2.51 -15.33
N THR E 73 -8.82 -3.58 -15.83
CA THR E 73 -9.96 -4.17 -15.15
C THR E 73 -9.77 -5.67 -15.05
N ILE E 74 -10.07 -6.23 -13.87
CA ILE E 74 -9.91 -7.65 -13.61
C ILE E 74 -11.20 -8.21 -13.00
N THR E 75 -11.67 -9.32 -13.52
CA THR E 75 -12.88 -9.96 -13.06
C THR E 75 -12.56 -11.11 -12.11
N GLY E 76 -13.62 -11.66 -11.50
CA GLY E 76 -13.53 -12.85 -10.68
C GLY E 76 -12.32 -12.90 -9.75
N ALA E 77 -12.30 -11.99 -8.78
CA ALA E 77 -11.10 -11.79 -7.97
C ALA E 77 -10.66 -13.08 -7.30
N GLN E 78 -9.35 -13.19 -7.09
CA GLN E 78 -8.75 -14.34 -6.45
C GLN E 78 -7.64 -13.87 -5.51
N ALA E 79 -7.45 -14.59 -4.41
CA ALA E 79 -6.62 -14.14 -3.31
C ALA E 79 -5.12 -14.14 -3.63
N GLU E 80 -4.70 -14.72 -4.76
CA GLU E 80 -3.29 -14.78 -5.10
C GLU E 80 -2.84 -13.63 -6.00
N ASP E 81 -3.72 -12.69 -6.33
CA ASP E 81 -3.41 -11.61 -7.25
C ASP E 81 -3.09 -10.30 -6.52
N GLU E 82 -2.85 -10.36 -5.22
CA GLU E 82 -2.51 -9.14 -4.47
C GLU E 82 -1.15 -8.62 -4.90
N ALA E 83 -1.07 -7.33 -5.20
CA ALA E 83 0.15 -6.75 -5.76
C ALA E 83 0.02 -5.23 -5.70
N ASP E 84 0.92 -4.53 -6.39
CA ASP E 84 0.73 -3.13 -6.72
C ASP E 84 0.90 -2.93 -8.22
N TYR E 85 0.16 -1.97 -8.76
CA TYR E 85 0.05 -1.78 -10.19
C TYR E 85 0.44 -0.35 -10.57
N TYR E 86 1.02 -0.21 -11.76
CA TYR E 86 1.54 1.07 -12.24
C TYR E 86 1.14 1.29 -13.69
N CYS E 87 1.07 2.57 -14.08
CA CYS E 87 0.78 2.97 -15.46
C CYS E 87 1.89 3.88 -15.96
N ASN E 88 2.34 3.67 -17.20
CA ASN E 88 3.36 4.54 -17.77
C ASN E 88 3.00 4.95 -19.18
N SER E 89 3.54 6.10 -19.59
CA SER E 89 3.29 6.74 -20.87
C SER E 89 4.45 7.68 -21.18
N ARG E 90 4.27 8.55 -22.16
CA ARG E 90 5.24 9.57 -22.52
C ARG E 90 4.69 10.95 -22.20
N ASP E 91 5.48 11.97 -22.56
CA ASP E 91 5.14 13.36 -22.29
C ASP E 91 4.89 14.12 -23.58
N SER E 92 4.44 15.36 -23.43
CA SER E 92 4.07 16.16 -24.59
C SER E 92 5.28 16.49 -25.45
N SER E 93 6.43 16.75 -24.83
CA SER E 93 7.63 17.10 -25.58
C SER E 93 8.14 15.94 -26.44
N GLY E 94 7.65 14.72 -26.21
CA GLY E 94 8.08 13.58 -26.99
C GLY E 94 9.53 13.19 -26.77
N ASN E 95 10.01 13.25 -25.52
CA ASN E 95 11.39 12.86 -25.22
C ASN E 95 11.56 12.01 -23.98
N HIS E 96 10.55 11.88 -23.12
CA HIS E 96 10.71 11.28 -21.80
C HIS E 96 9.83 10.04 -21.66
N VAL E 97 9.79 9.52 -20.44
CA VAL E 97 8.84 8.49 -20.02
C VAL E 97 8.39 8.82 -18.61
N VAL E 98 7.08 8.81 -18.38
CA VAL E 98 6.48 9.23 -17.12
C VAL E 98 5.83 8.03 -16.46
N PHE E 99 6.00 7.90 -15.15
CA PHE E 99 5.35 6.84 -14.38
C PHE E 99 4.30 7.43 -13.45
N GLY E 100 3.39 6.57 -13.01
CA GLY E 100 2.34 6.96 -12.10
C GLY E 100 2.73 6.71 -10.66
N GLY E 101 1.77 6.93 -9.77
CA GLY E 101 2.00 6.71 -8.37
C GLY E 101 2.11 5.23 -8.04
N GLY E 102 1.01 4.51 -8.19
CA GLY E 102 0.96 3.10 -7.86
C GLY E 102 -0.24 2.76 -7.00
N THR E 103 -0.98 1.72 -7.38
CA THR E 103 -2.17 1.32 -6.66
C THR E 103 -1.91 -0.04 -6.00
N LYS E 104 -2.07 -0.12 -4.69
CA LYS E 104 -1.89 -1.38 -3.98
C LYS E 104 -3.22 -2.11 -3.94
N LEU E 105 -3.29 -3.25 -4.62
CA LEU E 105 -4.50 -4.06 -4.69
C LEU E 105 -4.36 -5.28 -3.80
N THR E 106 -5.33 -5.46 -2.90
CA THR E 106 -5.40 -6.60 -1.99
C THR E 106 -6.77 -7.25 -2.14
N VAL E 107 -6.84 -8.54 -1.87
CA VAL E 107 -8.08 -9.30 -2.02
C VAL E 107 -8.55 -9.73 -0.64
N LEU E 108 -9.78 -9.36 -0.31
CA LEU E 108 -10.37 -9.70 0.99
C LEU E 108 -11.17 -10.99 0.89
N GLU F 1 16.14 -18.25 -22.13
CA GLU F 1 17.37 -17.82 -22.78
C GLU F 1 17.62 -16.34 -22.57
N VAL F 2 16.56 -15.62 -22.21
CA VAL F 2 16.63 -14.19 -21.98
C VAL F 2 17.00 -13.94 -20.54
N GLN F 3 18.06 -13.17 -20.31
CA GLN F 3 18.52 -12.84 -18.97
C GLN F 3 18.98 -11.39 -18.92
N LEU F 4 18.88 -10.81 -17.72
CA LEU F 4 19.34 -9.45 -17.46
C LEU F 4 20.00 -9.42 -16.08
N VAL F 5 21.26 -9.01 -16.03
CA VAL F 5 22.05 -9.06 -14.81
C VAL F 5 22.52 -7.65 -14.47
N GLU F 6 22.28 -7.23 -13.22
CA GLU F 6 22.79 -5.96 -12.70
C GLU F 6 23.92 -6.22 -11.73
N SER F 7 25.02 -5.50 -11.90
CA SER F 7 26.15 -5.63 -10.98
C SER F 7 26.96 -4.34 -10.96
N GLY F 8 27.70 -4.15 -9.88
CA GLY F 8 28.55 -2.99 -9.73
C GLY F 8 28.10 -1.98 -8.70
N GLY F 9 27.03 -2.26 -7.95
CA GLY F 9 26.57 -1.35 -6.93
C GLY F 9 27.21 -1.63 -5.58
N GLY F 10 26.81 -0.84 -4.59
CA GLY F 10 27.32 -1.03 -3.24
C GLY F 10 27.01 0.17 -2.37
N LEU F 11 27.77 0.28 -1.29
CA LEU F 11 27.66 1.37 -0.34
C LEU F 11 28.59 2.50 -0.76
N VAL F 12 28.10 3.74 -0.71
CA VAL F 12 28.92 4.90 -1.01
C VAL F 12 28.59 6.03 -0.05
N LYS F 13 29.62 6.70 0.44
CA LYS F 13 29.43 7.87 1.28
C LYS F 13 28.96 9.06 0.44
N PRO F 14 28.18 9.96 1.02
CA PRO F 14 27.67 11.09 0.24
C PRO F 14 28.79 11.91 -0.37
N GLY F 15 28.58 12.36 -1.61
CA GLY F 15 29.61 13.00 -2.38
C GLY F 15 30.50 12.07 -3.17
N GLY F 16 30.14 10.79 -3.26
CA GLY F 16 30.95 9.79 -3.93
C GLY F 16 30.57 9.57 -5.38
N SER F 17 31.00 8.43 -5.90
CA SER F 17 30.79 8.08 -7.31
C SER F 17 30.83 6.57 -7.46
N LEU F 18 30.21 6.08 -8.54
CA LEU F 18 30.18 4.64 -8.79
C LEU F 18 29.64 4.37 -10.19
N ARG F 19 30.01 3.22 -10.73
CA ARG F 19 29.52 2.78 -12.03
C ARG F 19 28.74 1.48 -11.88
N LEU F 20 27.66 1.37 -12.66
CA LEU F 20 26.74 0.24 -12.61
C LEU F 20 26.63 -0.38 -14.00
N SER F 21 26.38 -1.69 -14.03
CA SER F 21 26.36 -2.44 -15.28
C SER F 21 25.12 -3.33 -15.34
N CYS F 22 24.50 -3.37 -16.53
CA CYS F 22 23.36 -4.22 -16.83
C CYS F 22 23.74 -5.01 -18.09
N ALA F 23 24.08 -6.28 -17.91
CA ALA F 23 24.52 -7.14 -18.99
C ALA F 23 23.41 -8.10 -19.38
N ALA F 24 23.49 -8.61 -20.61
CA ALA F 24 22.47 -9.51 -21.13
C ALA F 24 23.06 -10.32 -22.27
N SER F 25 22.42 -11.46 -22.54
CA SER F 25 22.82 -12.32 -23.64
C SER F 25 21.67 -13.27 -23.96
N GLY F 26 21.72 -13.84 -25.17
CA GLY F 26 20.69 -14.73 -25.65
C GLY F 26 19.92 -14.21 -26.84
N PHE F 27 20.29 -13.06 -27.38
CA PHE F 27 19.60 -12.44 -28.50
C PHE F 27 20.52 -11.35 -29.07
N THR F 28 19.98 -10.55 -29.99
CA THR F 28 20.75 -9.49 -30.63
C THR F 28 20.64 -8.21 -29.81
N PHE F 29 21.79 -7.68 -29.40
CA PHE F 29 21.85 -6.48 -28.57
C PHE F 29 22.07 -5.21 -29.39
N SER F 30 22.17 -5.33 -30.72
CA SER F 30 22.56 -4.20 -31.53
C SER F 30 21.40 -3.26 -31.86
N ASN F 31 20.15 -3.70 -31.67
CA ASN F 31 19.00 -2.95 -32.15
C ASN F 31 18.16 -2.33 -31.05
N ALA F 32 18.03 -2.98 -29.90
CA ALA F 32 17.03 -2.59 -28.92
C ALA F 32 17.38 -1.27 -28.26
N TRP F 33 16.47 -0.78 -27.43
CA TRP F 33 16.64 0.44 -26.67
C TRP F 33 16.69 0.08 -25.18
N MET F 34 17.45 0.85 -24.40
CA MET F 34 17.59 0.55 -22.98
C MET F 34 17.27 1.79 -22.16
N SER F 35 16.83 1.56 -20.91
CA SER F 35 16.48 2.67 -20.02
C SER F 35 16.87 2.32 -18.60
N TRP F 36 16.65 3.29 -17.69
CA TRP F 36 17.00 3.14 -16.27
C TRP F 36 15.86 3.66 -15.41
N VAL F 37 15.41 2.87 -14.45
CA VAL F 37 14.40 3.30 -13.49
C VAL F 37 14.73 2.75 -12.11
N ARG F 38 14.68 3.61 -11.10
CA ARG F 38 15.00 3.25 -9.72
C ARG F 38 13.78 3.44 -8.83
N GLN F 39 13.71 2.66 -7.75
CA GLN F 39 12.66 2.88 -6.77
C GLN F 39 13.18 2.53 -5.38
N ALA F 40 13.15 3.51 -4.48
CA ALA F 40 13.52 3.29 -3.10
C ALA F 40 12.39 2.56 -2.37
N PRO F 41 12.74 1.76 -1.35
CA PRO F 41 11.73 1.14 -0.51
C PRO F 41 10.72 2.16 0.00
N GLY F 42 9.44 1.89 -0.28
CA GLY F 42 8.38 2.83 0.01
C GLY F 42 8.11 3.83 -1.09
N LYS F 43 8.90 3.82 -2.16
CA LYS F 43 8.73 4.75 -3.27
C LYS F 43 8.54 3.97 -4.57
N GLY F 44 7.73 4.55 -5.46
CA GLY F 44 7.45 3.92 -6.73
C GLY F 44 8.54 4.13 -7.75
N LEU F 45 8.25 3.73 -8.97
CA LEU F 45 9.23 3.79 -10.05
C LEU F 45 9.46 5.24 -10.48
N GLU F 46 10.68 5.52 -10.93
CA GLU F 46 11.06 6.87 -11.31
C GLU F 46 12.02 6.81 -12.50
N TRP F 47 11.73 7.60 -13.52
CA TRP F 47 12.55 7.61 -14.72
C TRP F 47 13.88 8.33 -14.46
N VAL F 48 14.92 7.87 -15.15
CA VAL F 48 16.24 8.49 -15.03
C VAL F 48 16.77 8.87 -16.41
N GLY F 49 16.86 7.89 -17.31
CA GLY F 49 17.45 8.12 -18.60
C GLY F 49 17.28 6.91 -19.49
N ARG F 50 17.66 7.08 -20.76
CA ARG F 50 17.52 6.03 -21.73
C ARG F 50 18.50 6.24 -22.88
N ILE F 51 19.07 5.14 -23.36
CA ILE F 51 20.02 5.16 -24.48
C ILE F 51 19.43 4.36 -25.63
N LYS F 52 19.52 4.94 -26.82
CA LYS F 52 18.92 4.46 -28.04
C LYS F 52 20.00 3.72 -28.84
N SER F 53 19.70 3.33 -30.07
CA SER F 53 20.62 2.53 -30.87
C SER F 53 21.19 3.37 -32.01
N LYS F 54 22.09 2.73 -32.78
CA LYS F 54 22.79 3.41 -33.86
C LYS F 54 21.92 3.60 -35.09
N THR F 55 20.75 2.95 -35.14
CA THR F 55 19.86 3.13 -36.29
C THR F 55 19.45 4.59 -36.44
N ASP F 56 19.13 5.25 -35.32
CA ASP F 56 18.94 6.70 -35.33
C ASP F 56 20.20 7.43 -34.92
N GLY F 57 20.98 6.87 -34.00
CA GLY F 57 22.23 7.48 -33.61
C GLY F 57 22.58 7.32 -32.14
N GLY F 58 21.65 6.76 -31.37
CA GLY F 58 21.88 6.58 -29.95
C GLY F 58 22.00 7.86 -29.15
N THR F 59 21.10 8.82 -29.39
CA THR F 59 21.12 10.07 -28.66
C THR F 59 20.84 9.82 -27.17
N THR F 60 21.05 10.86 -26.37
CA THR F 60 20.93 10.78 -24.92
C THR F 60 19.88 11.75 -24.42
N ASP F 61 19.29 11.44 -23.28
CA ASP F 61 18.27 12.28 -22.66
C ASP F 61 18.11 11.87 -21.21
N TYR F 62 18.22 12.82 -20.29
CA TYR F 62 18.05 12.57 -18.86
C TYR F 62 17.14 13.63 -18.27
N ALA F 63 16.44 13.24 -17.20
CA ALA F 63 15.54 14.16 -16.53
C ALA F 63 16.33 15.18 -15.72
N ALA F 64 15.65 16.24 -15.30
CA ALA F 64 16.33 17.37 -14.66
C ALA F 64 17.06 16.99 -13.37
N PRO F 65 16.48 16.23 -12.43
CA PRO F 65 17.26 15.84 -11.25
C PRO F 65 18.52 15.06 -11.57
N VAL F 66 18.50 14.22 -12.60
CA VAL F 66 19.66 13.42 -12.95
C VAL F 66 20.60 14.18 -13.87
N LYS F 67 20.08 14.96 -14.81
CA LYS F 67 20.92 15.72 -15.72
C LYS F 67 21.81 16.67 -14.94
N GLY F 68 23.10 16.68 -15.30
CA GLY F 68 24.10 17.43 -14.57
C GLY F 68 24.86 16.63 -13.54
N ARG F 69 24.46 15.40 -13.26
CA ARG F 69 25.20 14.57 -12.32
C ARG F 69 25.56 13.19 -12.87
N PHE F 70 24.68 12.57 -13.65
CA PHE F 70 24.84 11.18 -14.06
C PHE F 70 24.97 11.08 -15.57
N THR F 71 25.39 9.90 -16.04
CA THR F 71 25.49 9.66 -17.48
C THR F 71 25.25 8.19 -17.76
N ILE F 72 24.89 7.91 -19.03
CA ILE F 72 24.48 6.57 -19.47
C ILE F 72 25.16 6.26 -20.79
N SER F 73 25.71 5.05 -20.91
CA SER F 73 26.29 4.62 -22.18
C SER F 73 26.17 3.12 -22.31
N ARG F 74 26.72 2.60 -23.40
CA ARG F 74 26.62 1.18 -23.72
C ARG F 74 27.88 0.72 -24.43
N ASP F 75 28.12 -0.58 -24.40
CA ASP F 75 29.21 -1.21 -25.11
C ASP F 75 28.66 -2.33 -25.97
N ASP F 76 28.85 -2.21 -27.29
CA ASP F 76 28.37 -3.22 -28.22
C ASP F 76 29.23 -4.48 -28.20
N SER F 77 30.56 -4.30 -28.16
CA SER F 77 31.46 -5.45 -28.20
C SER F 77 31.24 -6.35 -26.98
N LYS F 78 31.22 -5.76 -25.79
CA LYS F 78 30.92 -6.49 -24.57
C LYS F 78 29.43 -6.65 -24.32
N ASN F 79 28.58 -5.97 -25.10
CA ASN F 79 27.13 -6.14 -25.04
C ASN F 79 26.60 -5.87 -23.63
N THR F 80 26.78 -4.63 -23.18
CA THR F 80 26.38 -4.32 -21.82
C THR F 80 26.07 -2.84 -21.70
N LEU F 81 25.05 -2.52 -20.90
CA LEU F 81 24.71 -1.15 -20.55
C LEU F 81 25.48 -0.73 -19.32
N TYR F 82 25.93 0.52 -19.31
CA TYR F 82 26.69 1.06 -18.19
C TYR F 82 26.12 2.42 -17.82
N LEU F 83 26.12 2.72 -16.52
CA LEU F 83 25.71 4.02 -16.00
C LEU F 83 26.77 4.51 -15.04
N GLN F 84 27.07 5.81 -15.08
CA GLN F 84 28.06 6.41 -14.21
C GLN F 84 27.39 7.48 -13.35
N MET F 85 27.64 7.42 -12.04
CA MET F 85 27.11 8.36 -11.08
C MET F 85 28.25 9.12 -10.41
N ASN F 86 28.14 10.45 -10.41
CA ASN F 86 29.08 11.31 -9.73
C ASN F 86 28.29 12.33 -8.90
N SER F 87 28.94 12.83 -7.84
CA SER F 87 28.34 13.81 -6.94
C SER F 87 27.03 13.29 -6.35
N LEU F 88 27.09 12.08 -5.82
CA LEU F 88 25.89 11.42 -5.31
C LEU F 88 25.36 12.12 -4.07
N LYS F 89 24.04 12.23 -3.99
CA LYS F 89 23.35 12.88 -2.89
C LYS F 89 22.56 11.87 -2.08
N THR F 90 22.16 12.29 -0.89
CA THR F 90 21.46 11.42 0.06
C THR F 90 20.08 10.99 -0.43
N GLU F 91 19.54 11.65 -1.46
CA GLU F 91 18.20 11.36 -1.98
C GLU F 91 18.24 10.49 -3.24
N ASP F 92 19.17 9.53 -3.29
CA ASP F 92 19.25 8.58 -4.39
C ASP F 92 19.40 7.13 -3.94
N THR F 93 19.27 6.85 -2.64
CA THR F 93 19.42 5.50 -2.13
C THR F 93 18.25 4.65 -2.60
N ALA F 94 18.52 3.63 -3.41
CA ALA F 94 17.41 2.86 -3.97
C ALA F 94 17.94 1.61 -4.65
N VAL F 95 17.01 0.82 -5.16
CA VAL F 95 17.33 -0.30 -6.04
C VAL F 95 16.99 0.08 -7.47
N TYR F 96 17.86 -0.32 -8.38
CA TYR F 96 17.90 0.14 -9.77
C TYR F 96 17.57 -1.01 -10.70
N TYR F 97 16.68 -0.75 -11.66
CA TYR F 97 16.26 -1.70 -12.68
C TYR F 97 16.60 -1.14 -14.06
N CYS F 98 17.08 -2.02 -14.94
CA CYS F 98 17.31 -1.69 -16.34
C CYS F 98 16.20 -2.31 -17.19
N THR F 99 15.62 -1.51 -18.07
CA THR F 99 14.46 -1.91 -18.85
C THR F 99 14.76 -1.90 -20.34
N THR F 100 14.11 -2.80 -21.06
CA THR F 100 14.24 -2.91 -22.51
C THR F 100 12.95 -3.47 -23.08
N ASP F 101 12.80 -3.35 -24.40
CA ASP F 101 11.65 -3.89 -25.12
C ASP F 101 12.10 -4.94 -26.12
N PHE F 102 11.45 -6.11 -26.08
CA PHE F 102 11.88 -7.24 -26.91
C PHE F 102 10.78 -7.72 -27.85
N ILE F 103 9.60 -8.06 -27.33
CA ILE F 103 8.50 -8.56 -28.16
C ILE F 103 7.50 -7.45 -28.42
N SER F 104 6.99 -6.83 -27.37
CA SER F 104 6.06 -5.72 -27.50
C SER F 104 6.85 -4.50 -27.94
N ALA F 105 7.00 -4.33 -29.26
CA ALA F 105 7.79 -3.24 -29.78
C ALA F 105 7.13 -1.90 -29.48
N GLY F 106 7.94 -0.94 -29.04
CA GLY F 106 7.45 0.36 -28.68
C GLY F 106 8.38 1.07 -27.72
N PRO F 107 8.50 2.40 -27.87
CA PRO F 107 9.48 3.14 -27.06
C PRO F 107 9.30 2.99 -25.56
N TRP F 108 8.07 2.92 -25.05
CA TRP F 108 7.85 2.82 -23.61
C TRP F 108 7.04 1.59 -23.23
N TYR F 109 7.04 0.54 -24.06
CA TYR F 109 6.40 -0.72 -23.71
C TYR F 109 7.42 -1.70 -23.15
N PHE F 110 8.01 -1.34 -22.01
CA PHE F 110 9.02 -2.18 -21.39
C PHE F 110 8.40 -3.50 -20.90
N ASP F 111 9.08 -4.59 -21.17
CA ASP F 111 8.59 -5.87 -20.69
C ASP F 111 9.63 -6.67 -19.95
N LEU F 112 10.90 -6.61 -20.35
CA LEU F 112 11.97 -7.35 -19.69
C LEU F 112 12.55 -6.50 -18.57
N TRP F 113 12.42 -6.98 -17.34
CA TRP F 113 12.91 -6.29 -16.17
C TRP F 113 14.00 -7.13 -15.51
N GLY F 114 15.16 -6.51 -15.27
CA GLY F 114 16.25 -7.19 -14.61
C GLY F 114 16.00 -7.37 -13.13
N ARG F 115 16.93 -8.09 -12.50
CA ARG F 115 16.81 -8.35 -11.06
C ARG F 115 16.92 -7.08 -10.25
N GLY F 116 17.78 -6.15 -10.68
CA GLY F 116 18.00 -4.90 -9.98
C GLY F 116 19.21 -4.97 -9.06
N THR F 117 19.75 -3.79 -8.75
CA THR F 117 20.93 -3.71 -7.89
C THR F 117 20.73 -2.62 -6.85
N LEU F 118 21.39 -2.77 -5.70
CA LEU F 118 21.18 -1.88 -4.58
C LEU F 118 22.23 -0.79 -4.53
N VAL F 119 21.82 0.39 -4.04
CA VAL F 119 22.70 1.54 -3.86
C VAL F 119 22.30 2.25 -2.59
N THR F 120 23.23 2.34 -1.64
CA THR F 120 23.00 3.00 -0.36
C THR F 120 23.97 4.16 -0.23
N VAL F 121 23.43 5.37 -0.15
CA VAL F 121 24.21 6.60 -0.17
C VAL F 121 24.00 7.28 1.18
N SER F 122 24.89 7.01 2.13
CA SER F 122 24.77 7.59 3.46
C SER F 122 26.11 7.45 4.17
N SER F 123 26.27 8.24 5.22
CA SER F 123 27.49 8.20 6.03
C SER F 123 27.32 7.26 7.22
C1 NAG G . -3.92 -9.57 -53.97
C2 NAG G . -5.32 -9.01 -53.76
C3 NAG G . -6.36 -10.10 -54.01
C4 NAG G . -6.15 -10.74 -55.37
C5 NAG G . -4.67 -11.14 -55.58
C6 NAG G . -4.38 -11.59 -56.99
C7 NAG G . -5.94 -7.25 -52.17
C8 NAG G . -6.02 -6.85 -50.72
N2 NAG G . -5.46 -8.47 -52.41
O3 NAG G . -7.66 -9.53 -53.94
O4 NAG G . -6.96 -11.91 -55.45
O5 NAG G . -3.80 -10.04 -55.30
O6 NAG G . -3.20 -12.38 -57.04
O7 NAG G . -6.29 -6.49 -53.07
C1 NAG G . -7.85 -11.89 -56.59
C2 NAG G . -8.29 -13.32 -56.87
C3 NAG G . -9.18 -13.35 -58.11
C4 NAG G . -10.35 -12.38 -57.97
C5 NAG G . -9.88 -11.00 -57.48
C6 NAG G . -11.03 -10.12 -57.06
C7 NAG G . -7.09 -15.42 -56.50
C8 NAG G . -5.85 -16.21 -56.76
N2 NAG G . -7.14 -14.20 -57.05
O3 NAG G . -9.66 -14.66 -58.31
O4 NAG G . -10.94 -12.18 -59.24
O5 NAG G . -9.01 -11.09 -56.34
O6 NAG G . -11.80 -10.73 -56.03
O7 NAG G . -8.02 -15.86 -55.82
C1 MAN G . -12.07 -13.03 -59.56
C2 MAN G . -13.32 -12.11 -59.65
C3 MAN G . -14.59 -12.92 -59.44
C4 MAN G . -14.38 -14.37 -59.86
C5 MAN G . -13.33 -15.04 -58.95
C6 MAN G . -12.69 -16.27 -59.58
O2 MAN G . -13.45 -11.55 -60.96
O3 MAN G . -15.69 -12.36 -60.16
O4 MAN G . -15.61 -15.08 -59.75
O5 MAN G . -12.26 -14.08 -58.62
O6 MAN G . -12.53 -17.27 -58.58
C1 NAG H . 2.54 -25.28 -44.53
C2 NAG H . 2.11 -26.72 -44.41
C3 NAG H . 2.25 -27.40 -45.76
C4 NAG H . 1.50 -26.61 -46.84
C5 NAG H . 1.80 -25.11 -46.77
C6 NAG H . 0.88 -24.30 -47.63
C7 NAG H . 2.36 -27.75 -42.19
C8 NAG H . 0.95 -27.33 -41.94
N2 NAG H . 2.87 -27.44 -43.40
O3 NAG H . 1.76 -28.73 -45.69
O4 NAG H . 1.89 -27.09 -48.12
O5 NAG H . 1.69 -24.60 -45.43
O6 NAG H . -0.47 -24.73 -47.50
O7 NAG H . 3.03 -28.35 -41.36
C1 NAG H . 0.85 -27.88 -48.71
C2 NAG H . 0.96 -27.76 -50.23
C3 NAG H . -0.08 -28.63 -50.91
C4 NAG H . 0.01 -30.07 -50.40
C5 NAG H . -0.05 -30.10 -48.87
C6 NAG H . 0.18 -31.48 -48.31
C7 NAG H . 1.86 -25.53 -50.73
C8 NAG H . 1.55 -24.14 -51.19
N2 NAG H . 0.83 -26.38 -50.65
O3 NAG H . 0.10 -28.59 -52.31
O4 NAG H . -1.06 -30.84 -50.93
O5 NAG H . 0.97 -29.26 -48.32
O6 NAG H . 1.47 -31.59 -47.71
O7 NAG H . 3.00 -25.88 -50.45
#